data_1J0J
#
_entry.id   1J0J
#
_cell.length_a   67.806
_cell.length_b   74.407
_cell.length_c   123.330
_cell.angle_alpha   90.00
_cell.angle_beta   90.02
_cell.angle_gamma   90.00
#
_symmetry.space_group_name_H-M   'P 1 21 1'
#
loop_
_entity.id
_entity.type
_entity.pdbx_description
1 polymer neopullulanase
2 branched alpha-D-glucopyranose-(1-4)-alpha-D-glucopyranose-(1-4)-alpha-D-glucopyranose-(1-4)-alpha-D-glucopyranose
3 water water
#
_entity_poly.entity_id   1
_entity_poly.type   'polypeptide(L)'
_entity_poly.pdbx_seq_one_letter_code
;MRKEAIYHRPADNFAYAYDSETLHLRLRTKKDDIDRVELLHGDPYDWQNGAWQFQMMPMRKTGSDELFDYWFAEVKPPYR
RLRYGFVLYSGEEKLVYTEKGFYFEVPTDDTAYYFCFPFLHRVDLFEAPDWVKDTVWYQIFPERFANGNPSISPEGSRPW
GSEDPTPTSFFGGDLQGIIDHLDYLVDLGITGIYLTPIFRSPSNHKYDTADYFEVDPHFGDKETLKTLIDRCHEKGIRVM
LDAVFNHCGYEFAPFQDVWKNGESSKYKDWFHIHEFPLQTEPRPNYDTFAFVPQMPKLNTANPEVKRYLLDVATYWIREF
DIDGWRLDVANEIDHEFWREFRQEVKALKPDVYILGQIWHDAMPWLRGDQFDAVMNYPFTDGVLRFFAKEEISARQFANQ
MMHVLHSYPNNVNEAAFNLLGSHDTSRILTVCGGDIRKVKLLFLFQLTFTGSPCIYYGDEIGMTGGNDPECRKCMVWDPM
QQNKELHQHVKQLIALRKQYRSLRRGEISFLHADDEMNYLIYKKTDGDETVLVIINRSDQKADIPIPLDARGTWLVNLLT
GERFAAEAETLCTSLPPYGFVLYAIEHW
;
_entity_poly.pdbx_strand_id   A,B
#
# COMPACT_ATOMS: atom_id res chain seq x y z
N MET A 1 15.70 -24.29 8.15
CA MET A 1 14.76 -23.21 7.76
C MET A 1 15.44 -22.10 6.96
N ARG A 2 14.89 -21.77 5.80
CA ARG A 2 15.45 -20.71 4.97
C ARG A 2 14.81 -19.37 5.30
N LYS A 3 15.55 -18.55 6.04
CA LYS A 3 15.09 -17.23 6.45
C LYS A 3 14.74 -16.35 5.27
N GLU A 4 15.59 -16.38 4.24
CA GLU A 4 15.38 -15.57 3.05
C GLU A 4 14.06 -15.83 2.33
N ALA A 5 13.38 -16.93 2.68
CA ALA A 5 12.11 -17.27 2.05
C ALA A 5 10.93 -16.85 2.94
N ILE A 6 11.23 -16.48 4.18
CA ILE A 6 10.22 -16.05 5.14
C ILE A 6 9.96 -14.55 4.94
N TYR A 7 8.68 -14.17 4.84
CA TYR A 7 8.32 -12.76 4.65
C TYR A 7 6.93 -12.36 5.14
N HIS A 8 6.85 -11.14 5.70
CA HIS A 8 5.60 -10.57 6.19
C HIS A 8 5.77 -9.07 6.38
N ARG A 9 4.80 -8.29 5.90
CA ARG A 9 4.85 -6.85 6.12
C ARG A 9 3.42 -6.37 6.35
N PRO A 10 3.20 -5.66 7.47
CA PRO A 10 1.97 -5.06 8.00
C PRO A 10 1.01 -4.32 7.09
N ALA A 11 0.56 -4.98 6.03
CA ALA A 11 -0.37 -4.34 5.12
C ALA A 11 -0.92 -5.24 4.04
N ASP A 12 -1.78 -4.65 3.22
CA ASP A 12 -2.40 -5.33 2.13
C ASP A 12 -2.77 -6.78 2.47
N ASN A 13 -2.33 -7.74 1.68
CA ASN A 13 -2.67 -9.13 1.92
C ASN A 13 -2.05 -9.78 3.15
N PHE A 14 -1.03 -9.16 3.72
CA PHE A 14 -0.42 -9.77 4.88
C PHE A 14 -1.05 -9.41 6.22
N ALA A 15 -1.61 -8.21 6.31
CA ALA A 15 -2.26 -7.76 7.54
C ALA A 15 -3.42 -6.82 7.26
N TYR A 16 -4.61 -7.21 7.68
CA TYR A 16 -5.77 -6.36 7.45
C TYR A 16 -6.90 -6.68 8.43
N ALA A 17 -7.78 -5.70 8.61
CA ALA A 17 -8.92 -5.88 9.49
C ALA A 17 -10.00 -6.53 8.63
N TYR A 18 -10.57 -7.62 9.13
CA TYR A 18 -11.64 -8.28 8.40
C TYR A 18 -13.00 -7.67 8.81
N ASP A 19 -13.12 -7.36 10.11
CA ASP A 19 -14.32 -6.73 10.66
C ASP A 19 -13.86 -5.81 11.80
N SER A 20 -14.77 -5.06 12.37
CA SER A 20 -14.45 -4.10 13.44
C SER A 20 -13.67 -4.59 14.66
N GLU A 21 -13.45 -5.89 14.78
CA GLU A 21 -12.72 -6.39 15.93
C GLU A 21 -11.87 -7.63 15.63
N THR A 22 -11.75 -7.94 14.34
CA THR A 22 -10.98 -9.09 13.89
C THR A 22 -9.88 -8.69 12.92
N LEU A 23 -8.70 -9.24 13.15
CA LEU A 23 -7.52 -8.98 12.33
C LEU A 23 -7.07 -10.28 11.64
N HIS A 24 -6.60 -10.16 10.41
CA HIS A 24 -6.12 -11.31 9.66
C HIS A 24 -4.62 -11.17 9.42
N LEU A 25 -3.86 -12.16 9.87
CA LEU A 25 -2.42 -12.12 9.66
C LEU A 25 -2.02 -13.30 8.82
N ARG A 26 -1.14 -13.02 7.86
CA ARG A 26 -0.67 -14.01 6.92
C ARG A 26 0.85 -14.04 6.91
N LEU A 27 1.43 -15.23 6.89
CA LEU A 27 2.88 -15.38 6.85
C LEU A 27 3.24 -16.23 5.64
N ARG A 28 4.40 -15.96 5.04
CA ARG A 28 4.84 -16.71 3.85
C ARG A 28 6.18 -17.41 4.13
N THR A 29 6.27 -18.70 3.81
CA THR A 29 7.53 -19.43 4.03
C THR A 29 7.81 -20.40 2.91
N LYS A 30 9.06 -20.84 2.78
CA LYS A 30 9.42 -21.78 1.72
C LYS A 30 8.57 -23.03 1.86
N LYS A 31 8.10 -23.55 0.73
CA LYS A 31 7.26 -24.74 0.70
C LYS A 31 7.85 -25.91 1.50
N ASP A 32 7.05 -26.48 2.39
CA ASP A 32 7.47 -27.60 3.24
C ASP A 32 8.73 -27.37 4.07
N ASP A 33 9.13 -26.11 4.22
CA ASP A 33 10.30 -25.79 4.99
C ASP A 33 9.97 -25.72 6.47
N ILE A 34 8.72 -25.36 6.78
CA ILE A 34 8.29 -25.23 8.17
C ILE A 34 7.27 -26.28 8.60
N ASP A 35 7.48 -26.86 9.77
CA ASP A 35 6.56 -27.86 10.30
C ASP A 35 5.32 -27.15 10.80
N ARG A 36 5.50 -26.19 11.70
CA ARG A 36 4.38 -25.43 12.25
C ARG A 36 4.77 -23.98 12.51
N VAL A 37 3.76 -23.12 12.55
CA VAL A 37 3.92 -21.68 12.77
C VAL A 37 2.90 -21.19 13.77
N GLU A 38 3.33 -20.37 14.72
CA GLU A 38 2.41 -19.83 15.72
C GLU A 38 2.60 -18.32 15.82
N LEU A 39 1.51 -17.60 15.75
CA LEU A 39 1.53 -16.16 15.88
C LEU A 39 1.73 -15.80 17.35
N LEU A 40 2.71 -14.94 17.62
CA LEU A 40 3.00 -14.46 18.97
C LEU A 40 2.36 -13.07 18.96
N HIS A 41 1.34 -12.87 19.81
CA HIS A 41 0.63 -11.60 19.81
C HIS A 41 0.19 -11.10 21.19
N GLY A 42 0.05 -9.78 21.32
CA GLY A 42 -0.38 -9.18 22.57
C GLY A 42 -0.63 -7.70 22.42
N ASP A 43 -1.37 -7.12 23.36
CA ASP A 43 -1.64 -5.68 23.33
C ASP A 43 -0.35 -4.95 23.68
N PRO A 44 0.09 -4.01 22.84
CA PRO A 44 1.34 -3.28 23.11
C PRO A 44 1.50 -2.56 24.44
N TYR A 45 0.47 -2.50 25.27
CA TYR A 45 0.63 -1.77 26.53
C TYR A 45 0.40 -2.61 27.79
N ASP A 46 0.13 -3.89 27.58
CA ASP A 46 -0.14 -4.81 28.67
C ASP A 46 1.15 -5.42 29.20
N TRP A 47 1.61 -4.91 30.34
CA TRP A 47 2.84 -5.39 30.99
C TRP A 47 2.60 -5.69 32.47
N GLN A 48 2.97 -6.90 32.90
CA GLN A 48 2.81 -7.29 34.30
C GLN A 48 4.18 -7.67 34.86
N ASN A 49 4.41 -7.33 36.13
CA ASN A 49 5.67 -7.64 36.76
C ASN A 49 6.78 -7.23 35.80
N GLY A 50 6.60 -6.08 35.15
CA GLY A 50 7.61 -5.58 34.23
C GLY A 50 7.98 -6.48 33.05
N ALA A 51 6.97 -7.15 32.49
CA ALA A 51 7.16 -8.04 31.35
C ALA A 51 5.93 -7.95 30.45
N TRP A 52 6.17 -7.93 29.14
CA TRP A 52 5.09 -7.84 28.18
C TRP A 52 4.23 -9.09 28.20
N GLN A 53 2.92 -8.90 28.14
CA GLN A 53 1.97 -10.01 28.20
C GLN A 53 1.51 -10.42 26.81
N PHE A 54 2.16 -11.41 26.23
CA PHE A 54 1.78 -11.86 24.91
C PHE A 54 1.26 -13.27 24.97
N GLN A 55 0.70 -13.74 23.87
CA GLN A 55 0.17 -15.09 23.80
C GLN A 55 0.48 -15.77 22.47
N MET A 56 0.41 -17.08 22.46
CA MET A 56 0.71 -17.86 21.27
C MET A 56 -0.55 -18.39 20.64
N MET A 57 -0.64 -18.27 19.32
CA MET A 57 -1.78 -18.78 18.58
C MET A 57 -1.26 -19.52 17.37
N PRO A 58 -1.56 -20.81 17.23
CA PRO A 58 -1.11 -21.60 16.08
C PRO A 58 -1.67 -21.08 14.75
N MET A 59 -0.84 -21.02 13.72
CA MET A 59 -1.29 -20.56 12.41
C MET A 59 -1.58 -21.71 11.47
N ARG A 60 -2.62 -21.55 10.68
CA ARG A 60 -3.03 -22.58 9.75
C ARG A 60 -2.48 -22.36 8.34
N LYS A 61 -1.97 -23.43 7.74
CA LYS A 61 -1.45 -23.37 6.38
C LYS A 61 -2.69 -23.36 5.49
N THR A 62 -2.85 -22.33 4.67
CA THR A 62 -4.04 -22.23 3.82
C THR A 62 -3.81 -22.59 2.36
N GLY A 63 -2.55 -22.64 1.96
CA GLY A 63 -2.28 -22.99 0.57
C GLY A 63 -0.80 -22.97 0.20
N SER A 64 -0.50 -23.43 -1.01
CA SER A 64 0.87 -23.44 -1.48
C SER A 64 0.91 -23.19 -2.97
N ASP A 65 1.95 -22.52 -3.43
CA ASP A 65 2.12 -22.27 -4.86
C ASP A 65 3.49 -22.83 -5.25
N GLU A 66 4.00 -22.46 -6.41
CA GLU A 66 5.30 -22.96 -6.84
C GLU A 66 6.38 -22.94 -5.76
N LEU A 67 6.50 -21.84 -5.05
CA LEU A 67 7.56 -21.71 -4.07
C LEU A 67 7.27 -21.62 -2.59
N PHE A 68 6.07 -21.20 -2.19
CA PHE A 68 5.81 -21.06 -0.76
C PHE A 68 4.60 -21.72 -0.15
N ASP A 69 4.57 -21.65 1.18
CA ASP A 69 3.48 -22.13 2.01
C ASP A 69 2.95 -20.81 2.57
N TYR A 70 1.64 -20.68 2.68
CA TYR A 70 1.07 -19.47 3.25
C TYR A 70 0.35 -19.86 4.52
N TRP A 71 0.59 -19.12 5.59
CA TRP A 71 -0.06 -19.41 6.85
C TRP A 71 -1.07 -18.31 7.20
N PHE A 72 -2.12 -18.71 7.91
CA PHE A 72 -3.19 -17.79 8.32
C PHE A 72 -3.43 -17.81 9.83
N ALA A 73 -4.12 -16.77 10.29
CA ALA A 73 -4.45 -16.62 11.69
C ALA A 73 -5.32 -15.39 11.84
N GLU A 74 -6.45 -15.55 12.52
CA GLU A 74 -7.29 -14.40 12.77
C GLU A 74 -7.25 -14.19 14.26
N VAL A 75 -7.08 -12.94 14.67
CA VAL A 75 -7.00 -12.59 16.07
C VAL A 75 -7.97 -11.44 16.39
N LYS A 76 -8.38 -11.35 17.63
CA LYS A 76 -9.28 -10.30 18.08
C LYS A 76 -8.60 -9.63 19.25
N PRO A 77 -7.73 -8.64 18.99
CA PRO A 77 -7.05 -7.96 20.11
C PRO A 77 -8.02 -7.48 21.18
N PRO A 78 -7.66 -7.65 22.46
CA PRO A 78 -8.50 -7.25 23.59
C PRO A 78 -8.96 -5.80 23.49
N TYR A 79 -8.01 -4.90 23.29
CA TYR A 79 -8.34 -3.49 23.19
C TYR A 79 -8.09 -2.91 21.80
N ARG A 80 -8.22 -3.75 20.78
CA ARG A 80 -8.04 -3.38 19.38
C ARG A 80 -6.63 -2.94 18.94
N ARG A 81 -5.63 -3.14 19.80
CA ARG A 81 -4.25 -2.78 19.49
C ARG A 81 -3.41 -4.06 19.54
N LEU A 82 -2.42 -4.19 18.65
CA LEU A 82 -1.62 -5.40 18.61
C LEU A 82 -0.19 -5.36 18.07
N ARG A 83 0.75 -5.87 18.87
CA ARG A 83 2.16 -5.98 18.46
C ARG A 83 2.28 -7.49 18.25
N TYR A 84 3.01 -7.91 17.22
CA TYR A 84 3.10 -9.34 16.95
C TYR A 84 4.28 -9.81 16.13
N GLY A 85 4.52 -11.11 16.16
CA GLY A 85 5.61 -11.74 15.45
C GLY A 85 5.25 -13.18 15.13
N PHE A 86 6.22 -13.96 14.66
CA PHE A 86 5.97 -15.35 14.32
C PHE A 86 7.07 -16.27 14.84
N VAL A 87 6.66 -17.42 15.37
CA VAL A 87 7.61 -18.40 15.88
C VAL A 87 7.49 -19.58 14.92
N LEU A 88 8.60 -19.96 14.29
CA LEU A 88 8.59 -21.08 13.34
C LEU A 88 9.29 -22.33 13.83
N TYR A 89 8.67 -23.49 13.65
CA TYR A 89 9.25 -24.75 14.10
C TYR A 89 9.57 -25.71 12.96
N SER A 90 10.71 -26.37 13.10
CA SER A 90 11.18 -27.33 12.12
C SER A 90 12.24 -28.17 12.84
N GLY A 91 11.85 -29.37 13.27
CA GLY A 91 12.78 -30.21 14.00
C GLY A 91 12.96 -29.56 15.36
N GLU A 92 14.15 -29.65 15.95
CA GLU A 92 14.36 -29.02 17.26
C GLU A 92 14.69 -27.55 17.04
N GLU A 93 14.68 -27.13 15.78
CA GLU A 93 14.99 -25.75 15.43
C GLU A 93 13.81 -24.82 15.67
N LYS A 94 14.12 -23.60 16.05
CA LYS A 94 13.11 -22.61 16.36
C LYS A 94 13.57 -21.25 15.88
N LEU A 95 12.66 -20.51 15.25
CA LEU A 95 12.96 -19.17 14.78
C LEU A 95 11.83 -18.22 15.12
N VAL A 96 12.19 -17.03 15.58
CA VAL A 96 11.21 -16.00 15.90
C VAL A 96 11.39 -14.88 14.88
N TYR A 97 10.39 -14.69 14.03
CA TYR A 97 10.42 -13.68 13.00
C TYR A 97 9.70 -12.41 13.41
N THR A 98 10.45 -11.31 13.49
CA THR A 98 9.91 -10.01 13.88
C THR A 98 10.29 -8.94 12.87
N GLU A 99 9.82 -7.72 13.12
CA GLU A 99 10.12 -6.58 12.25
C GLU A 99 11.60 -6.25 12.39
N LYS A 100 12.16 -6.60 13.54
CA LYS A 100 13.57 -6.34 13.82
C LYS A 100 14.46 -7.43 13.26
N GLY A 101 13.86 -8.49 12.72
CA GLY A 101 14.65 -9.58 12.16
C GLY A 101 14.39 -10.94 12.81
N PHE A 102 15.30 -11.89 12.61
CA PHE A 102 15.12 -13.22 13.21
C PHE A 102 15.80 -13.36 14.56
N TYR A 103 15.18 -14.15 15.43
CA TYR A 103 15.69 -14.43 16.75
C TYR A 103 15.49 -15.91 17.02
N PHE A 104 16.15 -16.44 18.05
CA PHE A 104 16.04 -17.86 18.37
C PHE A 104 15.27 -18.12 19.64
N GLU A 105 14.78 -17.04 20.25
CA GLU A 105 14.00 -17.08 21.47
C GLU A 105 13.27 -15.75 21.62
N VAL A 106 11.99 -15.83 21.90
CA VAL A 106 11.17 -14.65 22.06
C VAL A 106 11.78 -13.55 22.94
N PRO A 107 12.16 -12.42 22.34
CA PRO A 107 12.74 -11.33 23.13
C PRO A 107 11.54 -10.80 23.88
N THR A 108 11.73 -10.20 25.04
CA THR A 108 10.58 -9.73 25.82
C THR A 108 10.77 -8.45 26.58
N ASP A 109 11.98 -7.91 26.54
CA ASP A 109 12.29 -6.69 27.25
C ASP A 109 11.80 -5.45 26.51
N ASP A 110 11.10 -5.65 25.41
CA ASP A 110 10.65 -4.52 24.63
C ASP A 110 9.71 -4.98 23.52
N THR A 111 8.71 -4.16 23.22
CA THR A 111 7.73 -4.49 22.19
C THR A 111 8.05 -3.91 20.83
N ALA A 112 9.19 -3.25 20.70
CA ALA A 112 9.56 -2.64 19.43
C ALA A 112 10.05 -3.63 18.38
N TYR A 113 10.48 -4.82 18.80
CA TYR A 113 10.95 -5.81 17.84
C TYR A 113 9.86 -6.26 16.88
N TYR A 114 8.61 -6.18 17.32
CA TYR A 114 7.49 -6.70 16.56
C TYR A 114 6.73 -5.88 15.58
N PHE A 115 6.17 -6.58 14.59
CA PHE A 115 5.34 -5.95 13.57
C PHE A 115 4.22 -5.36 14.39
N CYS A 116 3.55 -4.35 13.85
CA CYS A 116 2.46 -3.76 14.62
C CYS A 116 1.23 -3.39 13.80
N PHE A 117 0.06 -3.68 14.36
CA PHE A 117 -1.19 -3.27 13.73
C PHE A 117 -1.79 -2.34 14.78
N PRO A 118 -1.38 -1.07 14.75
CA PRO A 118 -1.80 -0.01 15.64
C PRO A 118 -3.22 -0.08 16.19
N PHE A 119 -4.21 -0.16 15.33
CA PHE A 119 -5.58 -0.18 15.81
C PHE A 119 -6.55 -0.64 14.73
N LEU A 120 -7.73 -1.08 15.15
CA LEU A 120 -8.76 -1.52 14.22
C LEU A 120 -9.76 -0.37 14.13
N HIS A 121 -10.08 0.07 12.93
CA HIS A 121 -11.03 1.16 12.74
C HIS A 121 -12.09 0.78 11.74
N ARG A 122 -13.35 1.01 12.10
CA ARG A 122 -14.44 0.68 11.21
C ARG A 122 -14.33 1.41 9.88
N VAL A 123 -13.99 2.69 9.92
CA VAL A 123 -13.90 3.46 8.69
C VAL A 123 -12.79 3.07 7.70
N ASP A 124 -11.75 2.38 8.19
CA ASP A 124 -10.65 1.97 7.32
C ASP A 124 -10.84 0.56 6.79
N LEU A 125 -11.97 -0.03 7.16
CA LEU A 125 -12.29 -1.39 6.75
C LEU A 125 -12.59 -1.45 5.26
N PHE A 126 -12.37 -2.60 4.64
CA PHE A 126 -12.65 -2.76 3.21
C PHE A 126 -14.03 -3.37 3.10
N GLU A 127 -14.91 -2.74 2.34
CA GLU A 127 -16.27 -3.26 2.24
C GLU A 127 -16.96 -3.05 0.88
N ALA A 128 -17.20 -4.16 0.19
CA ALA A 128 -17.86 -4.11 -1.10
C ALA A 128 -19.34 -4.44 -0.92
N PRO A 129 -20.21 -3.89 -1.78
CA PRO A 129 -21.64 -4.22 -1.59
C PRO A 129 -21.80 -5.74 -1.52
N ASP A 130 -22.38 -6.23 -0.44
CA ASP A 130 -22.54 -7.66 -0.26
C ASP A 130 -23.37 -8.40 -1.28
N TRP A 131 -24.34 -7.74 -1.90
CA TRP A 131 -25.16 -8.44 -2.86
C TRP A 131 -24.34 -8.98 -4.03
N VAL A 132 -23.36 -8.21 -4.47
CA VAL A 132 -22.55 -8.65 -5.60
C VAL A 132 -22.01 -10.06 -5.41
N LYS A 133 -21.69 -10.43 -4.17
CA LYS A 133 -21.13 -11.75 -3.87
C LYS A 133 -22.02 -12.94 -4.23
N ASP A 134 -23.32 -12.71 -4.42
CA ASP A 134 -24.23 -13.79 -4.78
C ASP A 134 -24.81 -13.55 -6.18
N THR A 135 -24.19 -12.65 -6.91
CA THR A 135 -24.64 -12.29 -8.25
C THR A 135 -23.87 -13.05 -9.31
N VAL A 136 -24.54 -13.38 -10.40
CA VAL A 136 -23.90 -14.06 -11.51
C VAL A 136 -24.19 -13.11 -12.67
N TRP A 137 -23.13 -12.46 -13.17
CA TRP A 137 -23.24 -11.45 -14.24
C TRP A 137 -23.34 -11.95 -15.68
N TYR A 138 -23.82 -11.05 -16.54
CA TYR A 138 -23.96 -11.34 -17.96
C TYR A 138 -23.50 -10.11 -18.75
N GLN A 139 -22.35 -10.23 -19.38
CA GLN A 139 -21.77 -9.15 -20.16
C GLN A 139 -22.35 -9.07 -21.57
N ILE A 140 -22.95 -7.95 -21.90
CA ILE A 140 -23.55 -7.74 -23.21
C ILE A 140 -22.93 -6.60 -24.01
N PHE A 141 -22.72 -6.86 -25.29
CA PHE A 141 -22.17 -5.91 -26.25
C PHE A 141 -23.42 -5.54 -27.08
N PRO A 142 -24.17 -4.50 -26.68
CA PRO A 142 -25.40 -4.02 -27.35
C PRO A 142 -25.50 -4.15 -28.86
N GLU A 143 -24.50 -3.66 -29.57
CA GLU A 143 -24.49 -3.71 -31.03
C GLU A 143 -24.66 -5.12 -31.57
N ARG A 144 -24.53 -6.13 -30.69
CA ARG A 144 -24.63 -7.52 -31.12
C ARG A 144 -25.56 -8.42 -30.30
N PHE A 145 -26.50 -7.85 -29.55
CA PHE A 145 -27.39 -8.70 -28.77
C PHE A 145 -28.71 -9.01 -29.46
N ALA A 146 -29.43 -7.98 -29.89
CA ALA A 146 -30.71 -8.15 -30.56
C ALA A 146 -31.31 -6.81 -30.96
N ASN A 147 -31.57 -6.65 -32.25
CA ASN A 147 -32.15 -5.41 -32.76
C ASN A 147 -33.64 -5.26 -32.41
N GLY A 148 -33.92 -4.99 -31.14
CA GLY A 148 -35.30 -4.83 -30.71
C GLY A 148 -36.02 -3.68 -31.39
N ASN A 149 -35.24 -2.74 -31.91
CA ASN A 149 -35.82 -1.58 -32.58
C ASN A 149 -35.12 -1.39 -33.92
N PRO A 150 -35.73 -1.87 -35.00
CA PRO A 150 -35.14 -1.75 -36.34
C PRO A 150 -35.11 -0.31 -36.88
N SER A 151 -35.89 0.58 -36.28
CA SER A 151 -35.96 1.96 -36.77
C SER A 151 -34.75 2.84 -36.42
N ILE A 152 -34.11 2.57 -35.29
CA ILE A 152 -32.98 3.38 -34.88
C ILE A 152 -31.63 2.79 -35.31
N SER A 153 -31.67 1.53 -35.74
CA SER A 153 -30.48 0.83 -36.20
C SER A 153 -29.69 1.69 -37.19
N PRO A 154 -28.35 1.72 -37.07
CA PRO A 154 -27.54 2.53 -37.98
C PRO A 154 -27.66 2.07 -39.44
N GLU A 155 -27.48 3.00 -40.36
CA GLU A 155 -27.56 2.70 -41.79
C GLU A 155 -26.44 1.78 -42.20
N GLY A 156 -26.74 0.83 -43.09
CA GLY A 156 -25.74 -0.11 -43.55
C GLY A 156 -25.73 -1.34 -42.69
N SER A 157 -26.48 -1.30 -41.59
CA SER A 157 -26.55 -2.42 -40.67
C SER A 157 -26.89 -3.72 -41.40
N ARG A 158 -25.92 -4.61 -41.51
CA ARG A 158 -26.11 -5.89 -42.19
C ARG A 158 -27.14 -6.80 -41.50
N PRO A 159 -27.74 -7.72 -42.26
CA PRO A 159 -28.73 -8.65 -41.70
C PRO A 159 -28.12 -9.39 -40.51
N TRP A 160 -28.93 -9.63 -39.49
CA TRP A 160 -28.47 -10.29 -38.28
C TRP A 160 -27.78 -11.63 -38.56
N GLY A 161 -26.50 -11.71 -38.25
CA GLY A 161 -25.77 -12.94 -38.47
C GLY A 161 -25.28 -13.13 -39.89
N SER A 162 -25.59 -12.16 -40.75
CA SER A 162 -25.18 -12.21 -42.15
C SER A 162 -23.76 -12.78 -42.24
N GLU A 163 -22.76 -12.00 -41.81
CA GLU A 163 -21.37 -12.44 -41.84
C GLU A 163 -20.61 -12.02 -40.58
N ASP A 164 -19.28 -12.11 -40.65
CA ASP A 164 -18.43 -11.75 -39.51
C ASP A 164 -18.32 -10.26 -39.28
N PRO A 165 -18.19 -9.85 -38.01
CA PRO A 165 -18.07 -8.43 -37.70
C PRO A 165 -16.72 -7.94 -38.14
N THR A 166 -16.65 -6.67 -38.52
CA THR A 166 -15.38 -6.06 -38.89
C THR A 166 -15.21 -4.98 -37.84
N PRO A 167 -13.98 -4.49 -37.68
CA PRO A 167 -13.79 -3.44 -36.68
C PRO A 167 -14.67 -2.20 -36.90
N THR A 168 -15.48 -2.22 -37.94
CA THR A 168 -16.32 -1.07 -38.27
C THR A 168 -17.74 -1.39 -38.73
N SER A 169 -18.14 -2.66 -38.67
CA SER A 169 -19.48 -3.04 -39.10
C SER A 169 -20.54 -2.76 -38.04
N PHE A 170 -21.80 -2.88 -38.43
CA PHE A 170 -22.95 -2.64 -37.54
C PHE A 170 -24.03 -3.68 -37.81
N PHE A 171 -24.80 -4.03 -36.79
CA PHE A 171 -25.87 -5.01 -36.96
C PHE A 171 -27.12 -4.54 -36.23
N GLY A 172 -27.21 -3.24 -36.03
CA GLY A 172 -28.36 -2.64 -35.37
C GLY A 172 -28.80 -3.13 -34.00
N GLY A 173 -27.87 -3.68 -33.21
CA GLY A 173 -28.24 -4.15 -31.88
C GLY A 173 -28.59 -2.96 -30.99
N ASP A 174 -29.57 -3.10 -30.11
CA ASP A 174 -29.96 -1.98 -29.24
C ASP A 174 -30.52 -2.35 -27.87
N LEU A 175 -30.72 -1.32 -27.05
CA LEU A 175 -31.23 -1.48 -25.68
C LEU A 175 -32.56 -2.25 -25.60
N GLN A 176 -33.41 -2.08 -26.62
CA GLN A 176 -34.69 -2.77 -26.65
C GLN A 176 -34.46 -4.27 -26.70
N GLY A 177 -33.61 -4.70 -27.64
CA GLY A 177 -33.29 -6.11 -27.76
C GLY A 177 -33.00 -6.75 -26.41
N ILE A 178 -32.25 -6.04 -25.57
CA ILE A 178 -31.90 -6.53 -24.24
C ILE A 178 -33.20 -6.69 -23.46
N ILE A 179 -34.01 -5.63 -23.47
CA ILE A 179 -35.29 -5.65 -22.78
C ILE A 179 -36.11 -6.82 -23.30
N ASP A 180 -36.14 -6.98 -24.63
CA ASP A 180 -36.89 -8.03 -25.28
C ASP A 180 -36.46 -9.46 -24.95
N HIS A 181 -35.25 -9.63 -24.41
CA HIS A 181 -34.79 -10.97 -24.12
C HIS A 181 -34.54 -11.24 -22.64
N LEU A 182 -34.80 -10.24 -21.81
CA LEU A 182 -34.58 -10.41 -20.37
C LEU A 182 -35.13 -11.76 -19.91
N ASP A 183 -36.23 -12.19 -20.52
CA ASP A 183 -36.82 -13.46 -20.15
C ASP A 183 -35.83 -14.59 -20.32
N TYR A 184 -35.05 -14.54 -21.40
CA TYR A 184 -34.07 -15.59 -21.63
C TYR A 184 -32.99 -15.63 -20.53
N LEU A 185 -32.55 -14.46 -20.08
CA LEU A 185 -31.52 -14.36 -19.05
C LEU A 185 -32.03 -14.72 -17.65
N VAL A 186 -33.24 -14.28 -17.34
CA VAL A 186 -33.84 -14.58 -16.04
C VAL A 186 -33.89 -16.09 -15.91
N ASP A 187 -34.35 -16.73 -16.99
CA ASP A 187 -34.44 -18.18 -17.05
C ASP A 187 -33.07 -18.79 -16.78
N LEU A 188 -32.09 -18.35 -17.56
CA LEU A 188 -30.71 -18.83 -17.43
C LEU A 188 -30.24 -18.76 -15.98
N GLY A 189 -30.66 -17.73 -15.25
CA GLY A 189 -30.27 -17.61 -13.86
C GLY A 189 -29.49 -16.34 -13.57
N ILE A 190 -29.26 -15.53 -14.60
CA ILE A 190 -28.53 -14.27 -14.46
C ILE A 190 -29.19 -13.30 -13.50
N THR A 191 -28.39 -12.66 -12.65
CA THR A 191 -28.93 -11.69 -11.69
C THR A 191 -28.20 -10.35 -11.80
N GLY A 192 -27.50 -10.17 -12.91
CA GLY A 192 -26.77 -8.94 -13.09
C GLY A 192 -26.32 -8.80 -14.53
N ILE A 193 -26.50 -7.60 -15.06
CA ILE A 193 -26.12 -7.30 -16.43
C ILE A 193 -25.09 -6.18 -16.47
N TYR A 194 -23.96 -6.47 -17.11
CA TYR A 194 -22.89 -5.51 -17.28
C TYR A 194 -22.92 -5.18 -18.77
N LEU A 195 -23.09 -3.90 -19.09
CA LEU A 195 -23.15 -3.47 -20.46
C LEU A 195 -21.91 -2.68 -20.79
N THR A 196 -21.36 -2.89 -21.98
CA THR A 196 -20.19 -2.14 -22.41
C THR A 196 -20.71 -0.72 -22.71
N PRO A 197 -19.83 0.20 -23.14
CA PRO A 197 -20.30 1.56 -23.41
C PRO A 197 -21.62 1.68 -24.20
N ILE A 198 -22.52 2.54 -23.72
CA ILE A 198 -23.79 2.76 -24.40
C ILE A 198 -24.10 4.23 -24.66
N PHE A 199 -23.15 5.12 -24.39
CA PHE A 199 -23.38 6.54 -24.63
C PHE A 199 -23.04 6.90 -26.07
N ARG A 200 -23.19 8.17 -26.44
CA ARG A 200 -22.92 8.57 -27.83
C ARG A 200 -21.47 8.45 -28.33
N SER A 201 -21.31 7.64 -29.38
CA SER A 201 -20.03 7.41 -30.06
C SER A 201 -20.25 6.92 -31.49
N PRO A 202 -19.40 7.35 -32.42
CA PRO A 202 -19.48 6.98 -33.83
C PRO A 202 -19.20 5.51 -34.14
N SER A 203 -18.44 4.86 -33.26
CA SER A 203 -18.06 3.47 -33.46
C SER A 203 -19.11 2.44 -33.07
N ASN A 204 -18.77 1.16 -33.29
CA ASN A 204 -19.65 0.05 -32.95
C ASN A 204 -19.38 -0.48 -31.55
N HIS A 205 -18.34 0.03 -30.90
CA HIS A 205 -18.01 -0.40 -29.54
C HIS A 205 -18.27 0.73 -28.54
N LYS A 206 -18.26 1.97 -29.05
CA LYS A 206 -18.54 3.17 -28.27
C LYS A 206 -17.52 3.52 -27.19
N TYR A 207 -16.31 3.02 -27.30
CA TYR A 207 -15.29 3.33 -26.31
C TYR A 207 -14.65 4.68 -26.56
N ASP A 208 -15.02 5.30 -27.67
CA ASP A 208 -14.51 6.63 -28.00
C ASP A 208 -15.68 7.60 -27.91
N THR A 209 -16.07 7.85 -26.65
CA THR A 209 -17.18 8.70 -26.26
C THR A 209 -17.21 10.09 -26.88
N ALA A 210 -18.42 10.51 -27.25
CA ALA A 210 -18.63 11.83 -27.83
C ALA A 210 -19.46 12.66 -26.85
N ASP A 211 -20.31 11.98 -26.07
CA ASP A 211 -21.15 12.67 -25.10
C ASP A 211 -21.58 11.74 -23.96
N TYR A 212 -20.93 11.87 -22.81
CA TYR A 212 -21.21 11.02 -21.64
C TYR A 212 -22.60 11.16 -21.04
N PHE A 213 -23.32 12.24 -21.36
CA PHE A 213 -24.65 12.43 -20.80
C PHE A 213 -25.75 12.13 -21.82
N GLU A 214 -25.42 11.33 -22.83
CA GLU A 214 -26.40 10.98 -23.86
C GLU A 214 -26.31 9.52 -24.27
N VAL A 215 -27.41 8.80 -24.10
CA VAL A 215 -27.44 7.41 -24.53
C VAL A 215 -27.32 7.49 -26.04
N ASP A 216 -26.62 6.56 -26.66
CA ASP A 216 -26.45 6.58 -28.11
C ASP A 216 -27.74 6.25 -28.87
N PRO A 217 -28.21 7.18 -29.72
CA PRO A 217 -29.43 7.09 -30.54
C PRO A 217 -29.73 5.72 -31.16
N HIS A 218 -28.70 5.03 -31.63
CA HIS A 218 -28.89 3.73 -32.25
C HIS A 218 -29.24 2.61 -31.28
N PHE A 219 -29.22 2.91 -30.00
CA PHE A 219 -29.55 1.93 -28.96
C PHE A 219 -30.93 2.26 -28.43
N GLY A 220 -31.14 3.55 -28.17
CA GLY A 220 -32.40 4.04 -27.65
C GLY A 220 -32.24 5.45 -27.10
N ASP A 221 -32.98 5.76 -26.04
CA ASP A 221 -32.90 7.08 -25.40
C ASP A 221 -33.01 6.90 -23.88
N LYS A 222 -32.86 7.99 -23.12
CA LYS A 222 -32.95 7.89 -21.66
C LYS A 222 -34.20 7.13 -21.22
N GLU A 223 -35.33 7.42 -21.86
CA GLU A 223 -36.59 6.75 -21.54
C GLU A 223 -36.42 5.23 -21.68
N THR A 224 -35.72 4.81 -22.73
CA THR A 224 -35.49 3.39 -22.98
C THR A 224 -34.54 2.77 -21.97
N LEU A 225 -33.56 3.54 -21.53
CA LEU A 225 -32.58 3.04 -20.57
C LEU A 225 -33.25 2.81 -19.22
N LYS A 226 -34.13 3.73 -18.85
CA LYS A 226 -34.84 3.62 -17.58
C LYS A 226 -35.71 2.36 -17.62
N THR A 227 -36.44 2.19 -18.71
CA THR A 227 -37.33 1.03 -18.86
C THR A 227 -36.55 -0.29 -18.73
N LEU A 228 -35.44 -0.43 -19.45
CA LEU A 228 -34.61 -1.63 -19.35
C LEU A 228 -34.19 -1.84 -17.90
N ILE A 229 -33.58 -0.83 -17.30
CA ILE A 229 -33.13 -0.94 -15.91
C ILE A 229 -34.29 -1.27 -14.98
N ASP A 230 -35.33 -0.45 -15.00
CA ASP A 230 -36.49 -0.66 -14.14
C ASP A 230 -37.02 -2.07 -14.32
N ARG A 231 -37.14 -2.50 -15.57
CA ARG A 231 -37.64 -3.84 -15.86
C ARG A 231 -36.67 -4.89 -15.32
N CYS A 232 -35.37 -4.60 -15.39
CA CYS A 232 -34.35 -5.52 -14.87
C CYS A 232 -34.50 -5.67 -13.36
N HIS A 233 -34.77 -4.57 -12.66
CA HIS A 233 -34.93 -4.61 -11.21
C HIS A 233 -36.03 -5.56 -10.78
N GLU A 234 -37.16 -5.50 -11.48
CA GLU A 234 -38.30 -6.35 -11.17
C GLU A 234 -37.92 -7.83 -11.27
N LYS A 235 -37.13 -8.16 -12.29
CA LYS A 235 -36.68 -9.53 -12.50
C LYS A 235 -35.47 -9.79 -11.60
N GLY A 236 -35.24 -8.89 -10.64
CA GLY A 236 -34.13 -9.02 -9.72
C GLY A 236 -32.77 -9.08 -10.39
N ILE A 237 -32.52 -8.20 -11.35
CA ILE A 237 -31.27 -8.19 -12.11
C ILE A 237 -30.53 -6.84 -12.13
N ARG A 238 -29.58 -6.65 -11.21
CA ARG A 238 -28.80 -5.42 -11.11
C ARG A 238 -28.14 -5.07 -12.45
N VAL A 239 -28.03 -3.77 -12.75
CA VAL A 239 -27.43 -3.32 -14.01
C VAL A 239 -26.19 -2.50 -13.76
N MET A 240 -25.16 -2.75 -14.56
CA MET A 240 -23.90 -2.02 -14.43
C MET A 240 -23.44 -1.48 -15.80
N LEU A 241 -23.05 -0.23 -15.82
CA LEU A 241 -22.59 0.41 -17.05
C LEU A 241 -21.07 0.55 -17.08
N ASP A 242 -20.54 0.67 -18.28
CA ASP A 242 -19.11 0.83 -18.50
C ASP A 242 -18.81 2.34 -18.49
N ALA A 243 -17.84 2.77 -17.68
CA ALA A 243 -17.49 4.19 -17.61
C ALA A 243 -16.10 4.48 -18.22
N VAL A 244 -16.07 5.06 -19.41
CA VAL A 244 -14.82 5.37 -20.07
C VAL A 244 -14.30 6.76 -19.71
N PHE A 245 -13.66 6.87 -18.54
CA PHE A 245 -13.14 8.15 -18.07
C PHE A 245 -11.67 8.40 -18.44
N ASN A 246 -10.94 7.36 -18.82
CA ASN A 246 -9.55 7.53 -19.17
C ASN A 246 -9.37 8.39 -20.41
N HIS A 247 -10.25 8.19 -21.38
CA HIS A 247 -10.14 8.96 -22.62
C HIS A 247 -11.49 9.27 -23.23
N CYS A 248 -11.52 10.31 -24.05
CA CYS A 248 -12.72 10.72 -24.75
C CYS A 248 -12.56 10.28 -26.21
N GLY A 249 -13.48 10.73 -27.05
CA GLY A 249 -13.42 10.39 -28.45
C GLY A 249 -12.99 11.61 -29.25
N TYR A 250 -12.65 11.39 -30.51
CA TYR A 250 -12.22 12.48 -31.39
C TYR A 250 -13.34 13.52 -31.54
N GLU A 251 -14.55 13.14 -31.15
CA GLU A 251 -15.69 14.03 -31.27
C GLU A 251 -16.26 14.52 -29.95
N PHE A 252 -15.41 14.60 -28.93
CA PHE A 252 -15.85 15.08 -27.63
C PHE A 252 -15.73 16.60 -27.72
N ALA A 253 -16.87 17.29 -27.72
CA ALA A 253 -16.91 18.74 -27.82
C ALA A 253 -15.67 19.46 -27.26
N PRO A 254 -15.34 19.21 -25.98
CA PRO A 254 -14.17 19.87 -25.39
C PRO A 254 -12.89 19.66 -26.19
N PHE A 255 -12.73 18.49 -26.79
CA PHE A 255 -11.55 18.20 -27.57
C PHE A 255 -11.60 18.91 -28.91
N GLN A 256 -12.78 18.93 -29.53
CA GLN A 256 -12.95 19.58 -30.82
C GLN A 256 -12.58 21.04 -30.70
N ASP A 257 -12.86 21.62 -29.53
CA ASP A 257 -12.54 23.03 -29.29
C ASP A 257 -11.04 23.26 -29.29
N VAL A 258 -10.32 22.41 -28.55
CA VAL A 258 -8.87 22.53 -28.48
C VAL A 258 -8.30 22.33 -29.88
N TRP A 259 -8.88 21.38 -30.59
CA TRP A 259 -8.46 21.05 -31.95
C TRP A 259 -8.56 22.29 -32.83
N LYS A 260 -9.63 23.07 -32.64
CA LYS A 260 -9.83 24.27 -33.44
C LYS A 260 -9.23 25.57 -32.87
N ASN A 261 -9.34 25.77 -31.56
CA ASN A 261 -8.83 27.00 -30.94
C ASN A 261 -7.42 26.97 -30.34
N GLY A 262 -6.74 25.85 -30.46
CA GLY A 262 -5.38 25.76 -29.94
C GLY A 262 -5.19 26.08 -28.47
N GLU A 263 -4.08 26.76 -28.18
CA GLU A 263 -3.75 27.10 -26.79
C GLU A 263 -4.69 28.09 -26.14
N SER A 264 -5.48 28.78 -26.95
CA SER A 264 -6.42 29.74 -26.40
C SER A 264 -7.70 29.04 -25.99
N SER A 265 -7.79 27.75 -26.29
CA SER A 265 -8.96 26.97 -25.96
C SER A 265 -9.24 26.95 -24.46
N LYS A 266 -10.51 27.03 -24.13
CA LYS A 266 -10.96 27.02 -22.76
C LYS A 266 -10.79 25.61 -22.20
N TYR A 267 -10.55 24.65 -23.07
CA TYR A 267 -10.40 23.25 -22.67
C TYR A 267 -9.03 22.66 -22.95
N LYS A 268 -8.08 23.51 -23.32
CA LYS A 268 -6.74 23.03 -23.64
C LYS A 268 -6.11 22.20 -22.52
N ASP A 269 -6.56 22.41 -21.29
CA ASP A 269 -6.00 21.68 -20.17
C ASP A 269 -6.84 20.49 -19.75
N TRP A 270 -7.75 20.06 -20.63
CA TRP A 270 -8.60 18.91 -20.36
C TRP A 270 -7.91 17.67 -20.90
N PHE A 271 -6.76 17.88 -21.53
CA PHE A 271 -6.00 16.78 -22.13
C PHE A 271 -4.50 16.85 -21.81
N HIS A 272 -3.75 15.90 -22.35
CA HIS A 272 -2.30 15.85 -22.14
C HIS A 272 -1.60 16.33 -23.40
N ILE A 273 -1.72 17.61 -23.67
CA ILE A 273 -1.11 18.18 -24.85
C ILE A 273 0.34 18.57 -24.63
N HIS A 274 1.22 18.10 -25.51
CA HIS A 274 2.64 18.37 -25.42
C HIS A 274 3.04 19.68 -26.07
N GLU A 275 2.19 20.14 -26.99
CA GLU A 275 2.41 21.40 -27.69
C GLU A 275 1.36 21.66 -28.75
N PHE A 276 1.14 22.95 -29.02
CA PHE A 276 0.15 23.40 -29.99
C PHE A 276 0.80 23.89 -31.28
N PRO A 277 0.04 23.85 -32.39
CA PRO A 277 -1.35 23.36 -32.39
C PRO A 277 -1.41 21.83 -32.42
N LEU A 278 -2.55 21.27 -32.05
CA LEU A 278 -2.66 19.81 -32.06
C LEU A 278 -2.29 19.27 -33.42
N GLN A 279 -1.73 18.07 -33.44
CA GLN A 279 -1.32 17.43 -34.68
C GLN A 279 -1.48 15.92 -34.56
N THR A 280 -1.78 15.28 -35.68
CA THR A 280 -1.98 13.83 -35.74
C THR A 280 -0.84 13.13 -36.45
N GLU A 281 -0.14 13.87 -37.31
CA GLU A 281 0.98 13.33 -38.08
C GLU A 281 2.30 14.05 -37.78
N PRO A 282 3.43 13.33 -37.75
CA PRO A 282 3.56 11.88 -37.97
C PRO A 282 2.78 11.04 -36.96
N ARG A 283 2.73 11.52 -35.72
CA ARG A 283 1.99 10.84 -34.66
C ARG A 283 1.44 11.92 -33.73
N PRO A 284 0.35 11.62 -33.01
CA PRO A 284 -0.23 12.60 -32.10
C PRO A 284 0.79 13.31 -31.22
N ASN A 285 0.57 14.59 -30.97
CA ASN A 285 1.46 15.39 -30.13
C ASN A 285 0.80 15.50 -28.77
N TYR A 286 -0.15 14.60 -28.54
CA TYR A 286 -0.88 14.53 -27.29
C TYR A 286 -1.00 13.06 -26.88
N ASP A 287 -1.24 12.80 -25.60
CA ASP A 287 -1.36 11.44 -25.11
C ASP A 287 -2.69 10.82 -25.52
N THR A 288 -2.67 9.51 -25.74
CA THR A 288 -3.86 8.81 -26.18
C THR A 288 -3.98 7.42 -25.55
N PHE A 289 -5.10 6.74 -25.77
CA PHE A 289 -5.21 5.40 -25.24
C PHE A 289 -4.28 4.65 -26.16
N ALA A 290 -3.25 4.00 -25.62
CA ALA A 290 -2.31 3.28 -26.46
C ALA A 290 -1.85 4.31 -27.48
N PHE A 291 -1.91 3.96 -28.75
CA PHE A 291 -1.51 4.88 -29.80
C PHE A 291 -2.65 5.16 -30.76
N VAL A 292 -3.84 5.38 -30.20
CA VAL A 292 -5.03 5.67 -30.99
C VAL A 292 -5.26 7.17 -31.02
N PRO A 293 -5.13 7.81 -32.18
CA PRO A 293 -5.34 9.25 -32.27
C PRO A 293 -6.77 9.64 -31.98
N GLN A 294 -7.70 8.70 -32.16
CA GLN A 294 -9.12 8.96 -31.93
C GLN A 294 -9.52 8.93 -30.46
N MET A 295 -8.60 8.51 -29.60
CA MET A 295 -8.89 8.44 -28.18
C MET A 295 -7.92 9.26 -27.34
N PRO A 296 -8.08 10.60 -27.33
CA PRO A 296 -7.20 11.49 -26.54
C PRO A 296 -7.38 11.30 -25.04
N LYS A 297 -6.28 11.13 -24.31
CA LYS A 297 -6.36 10.93 -22.85
C LYS A 297 -6.85 12.16 -22.09
N LEU A 298 -7.84 11.97 -21.21
CA LEU A 298 -8.36 13.08 -20.41
C LEU A 298 -7.46 13.38 -19.19
N ASN A 299 -7.39 14.64 -18.78
CA ASN A 299 -6.58 15.00 -17.64
C ASN A 299 -7.41 15.10 -16.36
N THR A 300 -7.62 13.94 -15.75
CA THR A 300 -8.39 13.83 -14.53
C THR A 300 -7.83 14.62 -13.33
N ALA A 301 -6.69 15.28 -13.51
CA ALA A 301 -6.11 16.08 -12.45
C ALA A 301 -6.64 17.50 -12.60
N ASN A 302 -7.11 17.81 -13.81
CA ASN A 302 -7.67 19.13 -14.06
C ASN A 302 -8.99 19.11 -13.31
N PRO A 303 -9.20 20.09 -12.41
CA PRO A 303 -10.41 20.23 -11.59
C PRO A 303 -11.75 20.25 -12.34
N GLU A 304 -11.77 20.74 -13.57
CA GLU A 304 -13.01 20.79 -14.34
C GLU A 304 -13.31 19.42 -14.96
N VAL A 305 -12.27 18.73 -15.40
CA VAL A 305 -12.43 17.40 -15.96
C VAL A 305 -12.89 16.46 -14.85
N LYS A 306 -12.34 16.68 -13.66
CA LYS A 306 -12.68 15.87 -12.49
C LYS A 306 -14.13 16.08 -12.10
N ARG A 307 -14.52 17.34 -11.97
CA ARG A 307 -15.89 17.68 -11.61
C ARG A 307 -16.85 17.17 -12.67
N TYR A 308 -16.37 17.10 -13.91
CA TYR A 308 -17.22 16.64 -14.99
C TYR A 308 -17.48 15.14 -14.91
N LEU A 309 -16.42 14.36 -14.79
CA LEU A 309 -16.55 12.92 -14.74
C LEU A 309 -17.28 12.45 -13.48
N LEU A 310 -17.10 13.14 -12.37
CA LEU A 310 -17.80 12.76 -11.15
C LEU A 310 -19.29 12.92 -11.36
N ASP A 311 -19.66 14.03 -12.00
CA ASP A 311 -21.06 14.30 -12.29
C ASP A 311 -21.61 13.22 -13.22
N VAL A 312 -20.80 12.80 -14.18
CA VAL A 312 -21.24 11.76 -15.11
C VAL A 312 -21.46 10.48 -14.32
N ALA A 313 -20.61 10.25 -13.32
CA ALA A 313 -20.71 9.05 -12.50
C ALA A 313 -21.92 9.06 -11.60
N THR A 314 -22.25 10.24 -11.07
CA THR A 314 -23.41 10.36 -10.19
C THR A 314 -24.73 10.59 -10.93
N TYR A 315 -24.66 11.10 -12.15
CA TYR A 315 -25.87 11.35 -12.94
C TYR A 315 -26.64 10.07 -13.20
N TRP A 316 -25.99 9.13 -13.87
CA TRP A 316 -26.65 7.87 -14.20
C TRP A 316 -27.07 7.11 -12.95
N ILE A 317 -26.40 7.36 -11.83
CA ILE A 317 -26.78 6.67 -10.59
C ILE A 317 -28.03 7.35 -10.06
N ARG A 318 -27.94 8.66 -9.84
CA ARG A 318 -29.06 9.43 -9.31
C ARG A 318 -30.33 9.39 -10.15
N GLU A 319 -30.19 9.53 -11.46
CA GLU A 319 -31.32 9.54 -12.37
C GLU A 319 -31.78 8.21 -12.96
N PHE A 320 -30.95 7.17 -12.89
CA PHE A 320 -31.35 5.89 -13.45
C PHE A 320 -31.22 4.69 -12.52
N ASP A 321 -30.64 4.93 -11.35
CA ASP A 321 -30.48 3.91 -10.33
C ASP A 321 -29.66 2.70 -10.77
N ILE A 322 -28.56 2.93 -11.50
CA ILE A 322 -27.72 1.80 -11.90
C ILE A 322 -27.05 1.21 -10.67
N ASP A 323 -26.72 -0.07 -10.76
CA ASP A 323 -26.11 -0.77 -9.63
C ASP A 323 -24.60 -0.80 -9.62
N GLY A 324 -23.98 -0.39 -10.73
CA GLY A 324 -22.53 -0.41 -10.76
C GLY A 324 -21.85 0.35 -11.88
N TRP A 325 -20.55 0.48 -11.77
CA TRP A 325 -19.74 1.16 -12.78
C TRP A 325 -18.53 0.29 -13.10
N ARG A 326 -18.32 0.06 -14.39
CA ARG A 326 -17.18 -0.73 -14.84
C ARG A 326 -16.22 0.31 -15.40
N LEU A 327 -15.22 0.64 -14.61
CA LEU A 327 -14.23 1.64 -15.00
C LEU A 327 -13.22 1.06 -15.96
N ASP A 328 -13.33 1.51 -17.20
CA ASP A 328 -12.50 1.08 -18.30
C ASP A 328 -11.09 1.65 -18.15
N VAL A 329 -10.07 0.81 -18.34
CA VAL A 329 -8.68 1.23 -18.22
C VAL A 329 -8.47 2.01 -16.91
N ALA A 330 -9.11 1.55 -15.85
CA ALA A 330 -9.06 2.22 -14.55
C ALA A 330 -7.68 2.49 -13.97
N ASN A 331 -6.74 1.60 -14.26
CA ASN A 331 -5.39 1.73 -13.72
C ASN A 331 -4.56 2.87 -14.27
N GLU A 332 -5.06 3.52 -15.33
CA GLU A 332 -4.31 4.62 -15.94
C GLU A 332 -4.74 5.99 -15.46
N ILE A 333 -5.71 6.02 -14.54
CA ILE A 333 -6.19 7.26 -13.96
C ILE A 333 -5.62 7.34 -12.54
N ASP A 334 -5.30 8.55 -12.08
CA ASP A 334 -4.70 8.74 -10.75
C ASP A 334 -5.53 8.28 -9.56
N HIS A 335 -4.82 7.76 -8.56
CA HIS A 335 -5.44 7.29 -7.33
C HIS A 335 -6.27 8.38 -6.67
N GLU A 336 -5.86 9.64 -6.85
CA GLU A 336 -6.61 10.73 -6.26
C GLU A 336 -8.03 10.82 -6.82
N PHE A 337 -8.15 10.77 -8.14
CA PHE A 337 -9.48 10.82 -8.73
C PHE A 337 -10.31 9.65 -8.21
N TRP A 338 -9.73 8.46 -8.19
CA TRP A 338 -10.44 7.29 -7.72
C TRP A 338 -10.91 7.42 -6.28
N ARG A 339 -10.15 8.11 -5.44
CA ARG A 339 -10.56 8.27 -4.04
C ARG A 339 -11.78 9.17 -3.95
N GLU A 340 -11.86 10.14 -4.85
CA GLU A 340 -13.01 11.05 -4.87
C GLU A 340 -14.20 10.32 -5.46
N PHE A 341 -13.97 9.59 -6.55
CA PHE A 341 -15.01 8.83 -7.22
C PHE A 341 -15.74 7.93 -6.23
N ARG A 342 -14.99 7.28 -5.35
CA ARG A 342 -15.63 6.41 -4.36
C ARG A 342 -16.46 7.23 -3.38
N GLN A 343 -15.93 8.36 -2.91
CA GLN A 343 -16.69 9.17 -1.97
C GLN A 343 -18.01 9.66 -2.58
N GLU A 344 -17.94 10.27 -3.75
CA GLU A 344 -19.14 10.77 -4.41
C GLU A 344 -20.16 9.68 -4.61
N VAL A 345 -19.73 8.61 -5.27
CA VAL A 345 -20.59 7.47 -5.57
C VAL A 345 -21.22 6.81 -4.33
N LYS A 346 -20.39 6.39 -3.38
CA LYS A 346 -20.90 5.73 -2.18
C LYS A 346 -21.83 6.60 -1.33
N ALA A 347 -21.63 7.91 -1.35
CA ALA A 347 -22.50 8.80 -0.59
C ALA A 347 -23.89 8.75 -1.22
N LEU A 348 -23.91 8.80 -2.54
CA LEU A 348 -25.15 8.78 -3.31
C LEU A 348 -25.90 7.45 -3.19
N LYS A 349 -25.20 6.34 -3.42
CA LYS A 349 -25.81 5.02 -3.35
C LYS A 349 -24.79 3.98 -2.90
N PRO A 350 -24.60 3.86 -1.58
CA PRO A 350 -23.66 2.95 -0.93
C PRO A 350 -23.43 1.60 -1.58
N ASP A 351 -24.49 0.90 -1.95
CA ASP A 351 -24.30 -0.43 -2.52
C ASP A 351 -23.97 -0.51 -4.00
N VAL A 352 -23.48 0.58 -4.57
CA VAL A 352 -23.09 0.57 -5.98
C VAL A 352 -21.73 -0.10 -6.10
N TYR A 353 -21.65 -1.07 -6.99
CA TYR A 353 -20.42 -1.83 -7.23
C TYR A 353 -19.45 -1.03 -8.08
N ILE A 354 -18.31 -0.68 -7.49
CA ILE A 354 -17.28 0.05 -8.24
C ILE A 354 -16.22 -0.98 -8.62
N LEU A 355 -16.25 -1.37 -9.90
CA LEU A 355 -15.37 -2.39 -10.46
C LEU A 355 -14.37 -1.83 -11.45
N GLY A 356 -13.08 -1.97 -11.14
CA GLY A 356 -12.07 -1.46 -12.04
C GLY A 356 -11.52 -2.49 -13.02
N GLN A 357 -11.27 -2.06 -14.25
CA GLN A 357 -10.73 -2.94 -15.26
C GLN A 357 -9.21 -2.81 -15.20
N ILE A 358 -8.58 -3.69 -14.44
CA ILE A 358 -7.15 -3.67 -14.28
C ILE A 358 -6.63 -5.06 -14.66
N TRP A 359 -5.90 -5.11 -15.77
CA TRP A 359 -5.37 -6.35 -16.33
C TRP A 359 -4.12 -6.90 -15.65
N HIS A 360 -4.01 -6.73 -14.34
CA HIS A 360 -2.84 -7.21 -13.62
C HIS A 360 -3.02 -7.01 -12.12
N ASP A 361 -2.00 -7.37 -11.35
CA ASP A 361 -2.04 -7.24 -9.90
C ASP A 361 -2.60 -5.87 -9.56
N ALA A 362 -3.72 -5.83 -8.83
CA ALA A 362 -4.36 -4.55 -8.49
C ALA A 362 -4.37 -4.14 -7.02
N MET A 363 -3.64 -4.85 -6.17
CA MET A 363 -3.62 -4.51 -4.74
C MET A 363 -3.70 -3.01 -4.41
N PRO A 364 -2.97 -2.13 -5.14
CA PRO A 364 -3.01 -0.69 -4.86
C PRO A 364 -4.36 0.03 -5.00
N TRP A 365 -5.25 -0.51 -5.83
CA TRP A 365 -6.55 0.11 -6.03
C TRP A 365 -7.61 -0.55 -5.17
N LEU A 366 -7.20 -1.61 -4.47
CA LEU A 366 -8.12 -2.37 -3.65
C LEU A 366 -7.91 -2.31 -2.15
N ARG A 367 -7.60 -1.14 -1.62
CA ARG A 367 -7.40 -1.01 -0.19
C ARG A 367 -8.62 -0.49 0.55
N GLY A 368 -9.79 -0.52 -0.09
CA GLY A 368 -11.00 -0.05 0.57
C GLY A 368 -11.27 1.43 0.37
N ASP A 369 -10.28 2.16 -0.14
CA ASP A 369 -10.43 3.59 -0.37
C ASP A 369 -10.64 3.88 -1.85
N GLN A 370 -10.86 2.84 -2.65
CA GLN A 370 -11.07 3.01 -4.09
C GLN A 370 -12.07 2.03 -4.73
N PHE A 371 -11.59 1.00 -5.41
CA PHE A 371 -12.50 0.04 -6.02
C PHE A 371 -12.95 -1.07 -5.09
N ASP A 372 -14.16 -1.57 -5.33
CA ASP A 372 -14.69 -2.66 -4.52
C ASP A 372 -14.07 -3.96 -5.04
N ALA A 373 -13.71 -3.96 -6.31
CA ALA A 373 -13.12 -5.13 -6.95
C ALA A 373 -12.54 -4.74 -8.29
N VAL A 374 -11.85 -5.68 -8.93
CA VAL A 374 -11.25 -5.44 -10.25
C VAL A 374 -11.44 -6.72 -11.06
N MET A 375 -11.64 -6.60 -12.36
CA MET A 375 -11.82 -7.78 -13.20
C MET A 375 -10.62 -8.70 -13.05
N ASN A 376 -10.87 -9.94 -12.63
CA ASN A 376 -9.81 -10.91 -12.39
C ASN A 376 -9.27 -11.61 -13.64
N TYR A 377 -8.44 -10.91 -14.41
CA TYR A 377 -7.85 -11.50 -15.60
C TYR A 377 -6.82 -12.57 -15.22
N PRO A 378 -6.07 -12.38 -14.12
CA PRO A 378 -5.12 -13.43 -13.80
C PRO A 378 -5.86 -14.77 -13.73
N PHE A 379 -7.08 -14.70 -13.21
CA PHE A 379 -7.94 -15.86 -13.06
C PHE A 379 -8.19 -16.49 -14.43
N THR A 380 -8.62 -15.67 -15.39
CA THR A 380 -8.88 -16.15 -16.74
C THR A 380 -7.68 -16.87 -17.31
N ASP A 381 -6.52 -16.26 -17.15
CA ASP A 381 -5.27 -16.81 -17.66
C ASP A 381 -5.10 -18.23 -17.13
N GLY A 382 -5.12 -18.36 -15.80
CA GLY A 382 -4.92 -19.65 -15.19
C GLY A 382 -5.92 -20.72 -15.58
N VAL A 383 -7.19 -20.35 -15.54
CA VAL A 383 -8.25 -21.27 -15.88
C VAL A 383 -8.14 -21.76 -17.34
N LEU A 384 -7.91 -20.85 -18.26
CA LEU A 384 -7.79 -21.23 -19.67
C LEU A 384 -6.53 -22.06 -19.98
N ARG A 385 -5.41 -21.78 -19.31
CA ARG A 385 -4.19 -22.53 -19.58
C ARG A 385 -4.30 -23.99 -19.14
N PHE A 386 -5.20 -24.25 -18.21
CA PHE A 386 -5.36 -25.61 -17.70
C PHE A 386 -6.53 -26.41 -18.29
N PHE A 387 -7.72 -25.80 -18.31
CA PHE A 387 -8.91 -26.46 -18.82
C PHE A 387 -9.03 -26.39 -20.33
N ALA A 388 -8.76 -25.21 -20.90
CA ALA A 388 -8.89 -25.03 -22.34
C ALA A 388 -7.66 -25.39 -23.14
N LYS A 389 -6.52 -24.81 -22.79
CA LYS A 389 -5.29 -25.08 -23.53
C LYS A 389 -4.48 -26.26 -23.01
N GLU A 390 -4.82 -26.77 -21.84
CA GLU A 390 -4.10 -27.91 -21.27
C GLU A 390 -2.59 -27.72 -21.35
N GLU A 391 -2.11 -26.54 -20.98
CA GLU A 391 -0.69 -26.23 -21.02
C GLU A 391 0.01 -26.51 -19.70
N ILE A 392 -0.70 -26.32 -18.60
CA ILE A 392 -0.12 -26.53 -17.27
C ILE A 392 -0.74 -27.74 -16.59
N SER A 393 -0.02 -28.32 -15.63
CA SER A 393 -0.53 -29.48 -14.92
C SER A 393 -1.55 -29.06 -13.88
N ALA A 394 -2.23 -30.05 -13.31
CA ALA A 394 -3.21 -29.77 -12.29
C ALA A 394 -2.48 -29.09 -11.15
N ARG A 395 -1.36 -29.67 -10.75
CA ARG A 395 -0.55 -29.14 -9.66
C ARG A 395 -0.25 -27.66 -9.86
N GLN A 396 0.25 -27.33 -11.05
CA GLN A 396 0.58 -25.95 -11.37
C GLN A 396 -0.65 -25.08 -11.29
N PHE A 397 -1.74 -25.50 -11.95
CA PHE A 397 -2.99 -24.73 -11.92
C PHE A 397 -3.43 -24.44 -10.50
N ALA A 398 -3.14 -25.37 -9.60
CA ALA A 398 -3.47 -25.19 -8.19
C ALA A 398 -2.54 -24.15 -7.57
N ASN A 399 -1.28 -24.14 -8.02
CA ASN A 399 -0.32 -23.19 -7.49
C ASN A 399 -0.64 -21.78 -7.97
N GLN A 400 -1.12 -21.65 -9.20
CA GLN A 400 -1.44 -20.34 -9.73
C GLN A 400 -2.68 -19.79 -9.03
N MET A 401 -3.67 -20.66 -8.82
CA MET A 401 -4.88 -20.23 -8.15
C MET A 401 -4.56 -19.83 -6.72
N MET A 402 -3.73 -20.61 -6.06
CA MET A 402 -3.35 -20.31 -4.69
C MET A 402 -2.54 -19.01 -4.62
N HIS A 403 -1.67 -18.84 -5.61
CA HIS A 403 -0.79 -17.68 -5.68
C HIS A 403 -1.55 -16.37 -5.76
N VAL A 404 -2.42 -16.29 -6.76
CA VAL A 404 -3.21 -15.09 -6.99
C VAL A 404 -4.15 -14.79 -5.85
N LEU A 405 -4.76 -15.83 -5.32
CA LEU A 405 -5.69 -15.66 -4.21
C LEU A 405 -4.99 -15.10 -2.97
N HIS A 406 -3.83 -15.65 -2.63
CA HIS A 406 -3.09 -15.17 -1.47
C HIS A 406 -2.38 -13.85 -1.72
N SER A 407 -2.58 -13.28 -2.91
CA SER A 407 -1.95 -12.02 -3.27
C SER A 407 -2.77 -10.85 -2.73
N TYR A 408 -4.03 -11.12 -2.41
CA TYR A 408 -4.93 -10.09 -1.90
C TYR A 408 -5.56 -10.62 -0.62
N PRO A 409 -6.17 -9.72 0.19
CA PRO A 409 -6.81 -10.17 1.42
C PRO A 409 -8.16 -10.87 1.14
N ASN A 410 -8.51 -11.81 2.02
CA ASN A 410 -9.74 -12.58 1.89
C ASN A 410 -10.98 -11.78 1.52
N ASN A 411 -11.24 -10.68 2.23
CA ASN A 411 -12.42 -9.86 1.97
C ASN A 411 -12.45 -9.25 0.58
N VAL A 412 -11.29 -9.15 -0.06
CA VAL A 412 -11.22 -8.63 -1.42
C VAL A 412 -11.63 -9.77 -2.35
N ASN A 413 -11.00 -10.92 -2.16
CA ASN A 413 -11.29 -12.11 -2.95
C ASN A 413 -12.77 -12.49 -2.99
N GLU A 414 -13.51 -12.13 -1.96
CA GLU A 414 -14.92 -12.47 -1.87
C GLU A 414 -15.79 -11.66 -2.81
N ALA A 415 -15.25 -10.57 -3.30
CA ALA A 415 -16.01 -9.71 -4.21
C ALA A 415 -15.39 -9.61 -5.60
N ALA A 416 -14.51 -10.55 -5.93
CA ALA A 416 -13.83 -10.55 -7.24
C ALA A 416 -14.69 -10.81 -8.48
N PHE A 417 -14.45 -10.06 -9.54
CA PHE A 417 -15.20 -10.19 -10.77
C PHE A 417 -14.55 -11.24 -11.68
N ASN A 418 -14.89 -12.50 -11.47
CA ASN A 418 -14.33 -13.60 -12.24
C ASN A 418 -14.95 -13.78 -13.62
N LEU A 419 -14.13 -13.63 -14.67
CA LEU A 419 -14.62 -13.80 -16.05
C LEU A 419 -13.75 -14.77 -16.84
N LEU A 420 -14.36 -15.41 -17.84
CA LEU A 420 -13.65 -16.37 -18.68
C LEU A 420 -13.39 -15.79 -20.06
N GLY A 421 -14.09 -14.71 -20.37
CA GLY A 421 -13.93 -14.06 -21.66
C GLY A 421 -14.72 -12.77 -21.72
N SER A 422 -14.41 -11.94 -22.70
CA SER A 422 -15.09 -10.67 -22.89
C SER A 422 -14.95 -10.29 -24.34
N HIS A 423 -15.33 -9.06 -24.67
CA HIS A 423 -15.26 -8.55 -26.04
C HIS A 423 -13.83 -8.22 -26.44
N ASP A 424 -12.88 -8.46 -25.53
CA ASP A 424 -11.48 -8.21 -25.78
C ASP A 424 -10.66 -9.47 -25.97
N THR A 425 -11.30 -10.62 -26.15
CA THR A 425 -10.54 -11.86 -26.33
C THR A 425 -11.29 -12.89 -27.16
N SER A 426 -10.58 -13.94 -27.56
CA SER A 426 -11.18 -15.01 -28.35
C SER A 426 -12.27 -15.65 -27.51
N ARG A 427 -13.15 -16.41 -28.15
CA ARG A 427 -14.22 -17.09 -27.46
C ARG A 427 -13.59 -18.28 -26.74
N ILE A 428 -14.20 -18.70 -25.64
CA ILE A 428 -13.65 -19.82 -24.90
C ILE A 428 -13.80 -21.15 -25.62
N LEU A 429 -14.90 -21.33 -26.35
CA LEU A 429 -15.10 -22.58 -27.08
C LEU A 429 -13.99 -22.71 -28.12
N THR A 430 -13.56 -21.57 -28.63
CA THR A 430 -12.52 -21.51 -29.63
C THR A 430 -11.14 -21.75 -28.99
N VAL A 431 -10.95 -21.21 -27.79
CA VAL A 431 -9.70 -21.41 -27.09
C VAL A 431 -9.59 -22.89 -26.80
N CYS A 432 -10.75 -23.52 -26.68
CA CYS A 432 -10.83 -24.95 -26.41
C CYS A 432 -10.77 -25.73 -27.71
N GLY A 433 -10.48 -25.03 -28.80
CA GLY A 433 -10.40 -25.69 -30.10
C GLY A 433 -11.70 -26.33 -30.53
N GLY A 434 -12.83 -25.80 -30.05
CA GLY A 434 -14.12 -26.35 -30.42
C GLY A 434 -14.67 -27.49 -29.55
N ASP A 435 -13.88 -27.96 -28.59
CA ASP A 435 -14.30 -29.07 -27.73
C ASP A 435 -15.25 -28.61 -26.62
N ILE A 436 -16.53 -28.92 -26.77
CA ILE A 436 -17.52 -28.53 -25.77
C ILE A 436 -17.20 -29.08 -24.38
N ARG A 437 -16.64 -30.29 -24.32
CA ARG A 437 -16.30 -30.90 -23.03
C ARG A 437 -15.38 -30.00 -22.19
N LYS A 438 -14.34 -29.47 -22.81
CA LYS A 438 -13.41 -28.59 -22.12
C LYS A 438 -14.14 -27.36 -21.55
N VAL A 439 -14.95 -26.71 -22.40
CA VAL A 439 -15.71 -25.54 -21.98
C VAL A 439 -16.56 -25.82 -20.75
N LYS A 440 -17.33 -26.90 -20.81
CA LYS A 440 -18.19 -27.23 -19.69
C LYS A 440 -17.33 -27.23 -18.43
N LEU A 441 -16.07 -27.62 -18.56
CA LEU A 441 -15.21 -27.62 -17.41
C LEU A 441 -14.94 -26.18 -16.97
N LEU A 442 -14.68 -25.30 -17.94
CA LEU A 442 -14.45 -23.90 -17.63
C LEU A 442 -15.60 -23.37 -16.79
N PHE A 443 -16.83 -23.54 -17.29
CA PHE A 443 -18.01 -23.07 -16.56
C PHE A 443 -18.14 -23.67 -15.18
N LEU A 444 -17.78 -24.94 -15.06
CA LEU A 444 -17.86 -25.62 -13.77
C LEU A 444 -16.98 -24.98 -12.71
N PHE A 445 -15.73 -24.71 -13.04
CA PHE A 445 -14.80 -24.11 -12.09
C PHE A 445 -15.10 -22.67 -11.77
N GLN A 446 -15.56 -21.94 -12.77
CA GLN A 446 -15.90 -20.53 -12.60
C GLN A 446 -17.11 -20.41 -11.71
N LEU A 447 -18.09 -21.29 -11.93
CA LEU A 447 -19.31 -21.23 -11.14
C LEU A 447 -19.17 -21.85 -9.75
N THR A 448 -18.11 -22.63 -9.52
CA THR A 448 -17.88 -23.22 -8.20
C THR A 448 -16.85 -22.38 -7.43
N PHE A 449 -16.34 -21.34 -8.10
CA PHE A 449 -15.33 -20.46 -7.54
C PHE A 449 -15.93 -19.25 -6.82
N THR A 450 -15.36 -18.92 -5.67
CA THR A 450 -15.83 -17.79 -4.88
C THR A 450 -15.61 -16.44 -5.56
N GLY A 451 -16.63 -15.60 -5.53
CA GLY A 451 -16.50 -14.28 -6.13
C GLY A 451 -17.79 -13.84 -6.76
N SER A 452 -17.69 -13.08 -7.84
CA SER A 452 -18.83 -12.56 -8.58
C SER A 452 -18.55 -12.87 -10.04
N PRO A 453 -18.89 -14.09 -10.49
CA PRO A 453 -18.67 -14.52 -11.88
C PRO A 453 -19.45 -13.74 -12.92
N CYS A 454 -18.89 -13.68 -14.13
CA CYS A 454 -19.52 -12.98 -15.23
C CYS A 454 -19.41 -13.81 -16.50
N ILE A 455 -20.55 -14.00 -17.18
CA ILE A 455 -20.60 -14.78 -18.41
C ILE A 455 -20.69 -13.83 -19.59
N TYR A 456 -19.92 -14.11 -20.65
CA TYR A 456 -19.93 -13.29 -21.86
C TYR A 456 -21.05 -13.78 -22.77
N TYR A 457 -21.93 -12.87 -23.17
CA TYR A 457 -23.09 -13.22 -24.01
C TYR A 457 -22.82 -14.27 -25.08
N GLY A 458 -23.67 -15.28 -25.14
CA GLY A 458 -23.51 -16.32 -26.14
C GLY A 458 -22.71 -17.50 -25.65
N ASP A 459 -21.69 -17.25 -24.83
CA ASP A 459 -20.85 -18.32 -24.31
C ASP A 459 -21.65 -19.52 -23.81
N GLU A 460 -22.79 -19.26 -23.17
CA GLU A 460 -23.61 -20.34 -22.63
C GLU A 460 -24.20 -21.26 -23.70
N ILE A 461 -24.34 -20.75 -24.92
CA ILE A 461 -24.90 -21.55 -26.00
C ILE A 461 -23.92 -21.87 -27.11
N GLY A 462 -22.64 -21.91 -26.75
CA GLY A 462 -21.59 -22.26 -27.69
C GLY A 462 -21.20 -21.36 -28.86
N MET A 463 -21.28 -20.04 -28.71
CA MET A 463 -20.89 -19.14 -29.81
C MET A 463 -19.37 -19.25 -30.02
N THR A 464 -18.93 -19.15 -31.28
CA THR A 464 -17.52 -19.28 -31.58
C THR A 464 -16.89 -18.01 -32.11
N GLY A 465 -15.56 -18.01 -32.22
CA GLY A 465 -14.87 -16.85 -32.74
C GLY A 465 -13.53 -16.57 -32.08
N GLY A 466 -12.65 -15.93 -32.84
CA GLY A 466 -11.34 -15.58 -32.33
C GLY A 466 -11.39 -14.24 -31.63
N ASN A 467 -10.23 -13.63 -31.45
CA ASN A 467 -10.11 -12.34 -30.78
C ASN A 467 -10.73 -11.19 -31.61
N ASP A 468 -11.05 -10.11 -30.90
CA ASP A 468 -11.63 -8.89 -31.47
C ASP A 468 -11.23 -8.74 -32.94
N PRO A 469 -12.23 -8.56 -33.83
CA PRO A 469 -13.66 -8.50 -33.57
C PRO A 469 -14.44 -9.81 -33.73
N GLU A 470 -13.74 -10.88 -34.07
CA GLU A 470 -14.39 -12.18 -34.27
C GLU A 470 -15.24 -12.61 -33.06
N CYS A 471 -14.86 -12.13 -31.87
CA CYS A 471 -15.57 -12.47 -30.63
C CYS A 471 -16.85 -11.67 -30.45
N ARG A 472 -17.10 -10.71 -31.33
CA ARG A 472 -18.26 -9.86 -31.22
C ARG A 472 -19.37 -10.16 -32.23
N LYS A 473 -19.49 -11.43 -32.62
CA LYS A 473 -20.52 -11.84 -33.57
C LYS A 473 -21.93 -11.60 -33.00
N CYS A 474 -22.92 -11.54 -33.88
CA CYS A 474 -24.31 -11.33 -33.45
C CYS A 474 -24.79 -12.48 -32.59
N MET A 475 -25.51 -12.15 -31.52
CA MET A 475 -26.02 -13.19 -30.62
C MET A 475 -26.83 -14.20 -31.42
N VAL A 476 -26.70 -15.46 -31.02
CA VAL A 476 -27.40 -16.56 -31.68
C VAL A 476 -28.75 -16.84 -31.00
N TRP A 477 -29.83 -16.62 -31.73
CA TRP A 477 -31.17 -16.85 -31.20
C TRP A 477 -31.85 -18.08 -31.82
N ASP A 478 -31.36 -18.49 -32.98
CA ASP A 478 -31.89 -19.65 -33.69
C ASP A 478 -31.53 -20.91 -32.88
N PRO A 479 -32.53 -21.61 -32.33
CA PRO A 479 -32.26 -22.82 -31.56
C PRO A 479 -31.50 -23.91 -32.31
N MET A 480 -31.85 -24.12 -33.58
CA MET A 480 -31.17 -25.14 -34.38
C MET A 480 -29.68 -24.84 -34.50
N GLN A 481 -29.26 -23.70 -33.95
CA GLN A 481 -27.85 -23.31 -34.02
C GLN A 481 -27.18 -22.97 -32.70
N GLN A 482 -27.87 -23.17 -31.59
CA GLN A 482 -27.27 -22.89 -30.30
C GLN A 482 -27.22 -24.16 -29.45
N ASN A 483 -26.06 -24.43 -28.88
CA ASN A 483 -25.82 -25.61 -28.06
C ASN A 483 -26.69 -25.69 -26.83
N LYS A 484 -27.55 -26.70 -26.78
CA LYS A 484 -28.47 -26.89 -25.66
C LYS A 484 -27.77 -27.60 -24.51
N GLU A 485 -26.76 -28.40 -24.84
CA GLU A 485 -25.99 -29.13 -23.84
C GLU A 485 -25.41 -28.12 -22.85
N LEU A 486 -24.59 -27.21 -23.37
CA LEU A 486 -23.96 -26.16 -22.56
C LEU A 486 -24.99 -25.35 -21.78
N HIS A 487 -26.00 -24.84 -22.48
CA HIS A 487 -27.04 -24.03 -21.87
C HIS A 487 -27.62 -24.61 -20.58
N GLN A 488 -28.06 -25.87 -20.63
CA GLN A 488 -28.64 -26.50 -19.45
C GLN A 488 -27.56 -26.70 -18.39
N HIS A 489 -26.34 -27.00 -18.86
CA HIS A 489 -25.20 -27.22 -17.98
C HIS A 489 -24.94 -25.98 -17.13
N VAL A 490 -24.98 -24.82 -17.79
CA VAL A 490 -24.76 -23.52 -17.15
C VAL A 490 -25.95 -23.18 -16.27
N LYS A 491 -27.15 -23.49 -16.74
CA LYS A 491 -28.35 -23.24 -15.96
C LYS A 491 -28.29 -24.11 -14.71
N GLN A 492 -27.76 -25.31 -14.87
CA GLN A 492 -27.62 -26.27 -13.79
C GLN A 492 -26.69 -25.73 -12.70
N LEU A 493 -25.51 -25.29 -13.12
CA LEU A 493 -24.51 -24.77 -12.19
C LEU A 493 -24.93 -23.46 -11.54
N ILE A 494 -25.51 -22.53 -12.31
CA ILE A 494 -25.92 -21.26 -11.72
C ILE A 494 -26.86 -21.58 -10.58
N ALA A 495 -27.64 -22.63 -10.75
CA ALA A 495 -28.59 -23.06 -9.73
C ALA A 495 -27.84 -23.56 -8.50
N LEU A 496 -26.99 -24.57 -8.69
CA LEU A 496 -26.24 -25.12 -7.56
C LEU A 496 -25.50 -24.02 -6.82
N ARG A 497 -25.10 -22.99 -7.55
CA ARG A 497 -24.38 -21.88 -6.95
C ARG A 497 -25.27 -21.16 -5.96
N LYS A 498 -26.56 -21.04 -6.29
CA LYS A 498 -27.48 -20.36 -5.40
C LYS A 498 -27.78 -21.18 -4.16
N GLN A 499 -27.97 -22.49 -4.35
CA GLN A 499 -28.26 -23.38 -3.23
C GLN A 499 -27.11 -23.53 -2.24
N TYR A 500 -25.88 -23.66 -2.74
CA TYR A 500 -24.73 -23.83 -1.86
C TYR A 500 -23.91 -22.57 -1.68
N ARG A 501 -23.97 -22.00 -0.48
CA ARG A 501 -23.24 -20.78 -0.19
C ARG A 501 -21.75 -20.97 -0.35
N SER A 502 -21.23 -22.07 0.17
CA SER A 502 -19.81 -22.37 0.09
C SER A 502 -19.29 -22.21 -1.32
N LEU A 503 -20.18 -22.30 -2.31
CA LEU A 503 -19.78 -22.13 -3.69
C LEU A 503 -19.51 -20.67 -4.05
N ARG A 504 -20.10 -19.75 -3.30
CA ARG A 504 -19.92 -18.33 -3.58
C ARG A 504 -19.25 -17.50 -2.49
N ARG A 505 -19.09 -18.06 -1.31
CA ARG A 505 -18.44 -17.33 -0.23
C ARG A 505 -17.40 -18.20 0.44
N GLY A 506 -17.34 -19.45 0.03
CA GLY A 506 -16.39 -20.36 0.65
C GLY A 506 -14.91 -20.20 0.37
N GLU A 507 -14.13 -20.74 1.29
CA GLU A 507 -12.69 -20.74 1.16
C GLU A 507 -12.45 -21.92 0.21
N ILE A 508 -11.34 -21.91 -0.52
CA ILE A 508 -11.03 -22.99 -1.45
C ILE A 508 -9.69 -23.61 -1.14
N SER A 509 -9.53 -24.89 -1.44
CA SER A 509 -8.28 -25.57 -1.21
C SER A 509 -8.22 -26.80 -2.09
N PHE A 510 -7.03 -27.11 -2.58
CA PHE A 510 -6.86 -28.25 -3.45
C PHE A 510 -6.27 -29.45 -2.76
N LEU A 511 -6.81 -30.62 -3.07
CA LEU A 511 -6.31 -31.87 -2.52
C LEU A 511 -5.35 -32.42 -3.56
N HIS A 512 -4.35 -33.17 -3.11
CA HIS A 512 -3.38 -33.72 -4.03
C HIS A 512 -3.56 -35.20 -4.36
N ALA A 513 -3.69 -35.49 -5.65
CA ALA A 513 -3.80 -36.86 -6.13
C ALA A 513 -2.36 -37.22 -6.45
N ASP A 514 -1.98 -38.50 -6.30
CA ASP A 514 -0.60 -38.89 -6.60
C ASP A 514 -0.24 -38.44 -8.00
N ASP A 515 -1.26 -38.39 -8.87
CA ASP A 515 -1.09 -37.97 -10.23
C ASP A 515 -1.69 -36.58 -10.42
N GLU A 516 -0.96 -35.55 -10.01
CA GLU A 516 -1.45 -34.18 -10.16
C GLU A 516 -1.20 -33.73 -11.60
N MET A 517 -1.45 -34.64 -12.53
CA MET A 517 -1.26 -34.36 -13.94
C MET A 517 -2.56 -33.93 -14.61
N ASN A 518 -3.58 -34.78 -14.50
CA ASN A 518 -4.86 -34.47 -15.11
C ASN A 518 -6.00 -34.41 -14.11
N TYR A 519 -5.75 -34.90 -12.90
CA TYR A 519 -6.81 -34.93 -11.90
C TYR A 519 -6.79 -33.72 -10.96
N LEU A 520 -7.87 -32.95 -11.00
CA LEU A 520 -7.99 -31.77 -10.16
C LEU A 520 -9.06 -32.01 -9.11
N ILE A 521 -8.64 -31.96 -7.85
CA ILE A 521 -9.56 -32.17 -6.73
C ILE A 521 -9.48 -30.99 -5.77
N TYR A 522 -10.62 -30.34 -5.54
CA TYR A 522 -10.66 -29.19 -4.63
C TYR A 522 -11.99 -29.12 -3.88
N LYS A 523 -12.10 -28.23 -2.92
CA LYS A 523 -13.35 -28.11 -2.19
C LYS A 523 -13.60 -26.73 -1.62
N LYS A 524 -14.86 -26.30 -1.67
CA LYS A 524 -15.25 -24.99 -1.14
C LYS A 524 -15.78 -25.20 0.28
N THR A 525 -15.58 -24.21 1.13
CA THR A 525 -16.04 -24.30 2.52
C THR A 525 -16.45 -22.95 3.10
N ASP A 526 -17.76 -22.70 3.15
CA ASP A 526 -18.26 -21.43 3.69
C ASP A 526 -18.05 -21.43 5.21
N GLY A 527 -17.58 -22.57 5.71
CA GLY A 527 -17.36 -22.75 7.13
C GLY A 527 -18.15 -23.97 7.55
N ASP A 528 -19.45 -23.95 7.25
CA ASP A 528 -20.33 -25.06 7.55
C ASP A 528 -20.46 -25.95 6.33
N GLU A 529 -21.08 -25.40 5.29
CA GLU A 529 -21.28 -26.11 4.04
C GLU A 529 -19.92 -26.59 3.55
N THR A 530 -19.92 -27.66 2.75
CA THR A 530 -18.67 -28.20 2.24
C THR A 530 -18.87 -29.08 1.01
N VAL A 531 -18.60 -28.51 -0.15
CA VAL A 531 -18.72 -29.24 -1.42
C VAL A 531 -17.34 -29.67 -1.90
N LEU A 532 -17.29 -30.83 -2.53
CA LEU A 532 -16.05 -31.39 -3.08
C LEU A 532 -16.22 -31.57 -4.58
N VAL A 533 -15.19 -31.23 -5.33
CA VAL A 533 -15.24 -31.36 -6.78
C VAL A 533 -14.06 -32.18 -7.24
N ILE A 534 -14.29 -32.98 -8.27
CA ILE A 534 -13.26 -33.81 -8.84
C ILE A 534 -13.43 -33.69 -10.35
N ILE A 535 -12.34 -33.38 -11.03
CA ILE A 535 -12.39 -33.25 -12.47
C ILE A 535 -11.32 -34.06 -13.14
N ASN A 536 -11.73 -34.80 -14.17
CA ASN A 536 -10.80 -35.62 -14.92
C ASN A 536 -10.42 -34.89 -16.18
N ARG A 537 -9.33 -34.13 -16.11
CA ARG A 537 -8.89 -33.37 -17.27
C ARG A 537 -7.98 -34.16 -18.18
N SER A 538 -8.59 -34.99 -19.01
CA SER A 538 -7.86 -35.82 -19.95
C SER A 538 -8.91 -36.44 -20.87
N ASP A 539 -8.49 -36.90 -22.04
CA ASP A 539 -9.41 -37.50 -23.00
C ASP A 539 -9.67 -38.98 -22.74
N GLN A 540 -9.28 -39.46 -21.56
CA GLN A 540 -9.49 -40.87 -21.23
C GLN A 540 -10.15 -41.11 -19.87
N LYS A 541 -10.93 -42.18 -19.79
CA LYS A 541 -11.62 -42.58 -18.56
C LYS A 541 -10.60 -42.65 -17.43
N ALA A 542 -11.06 -42.46 -16.19
CA ALA A 542 -10.13 -42.50 -15.07
C ALA A 542 -10.76 -42.91 -13.76
N ASP A 543 -9.97 -43.61 -12.94
CA ASP A 543 -10.40 -44.05 -11.62
C ASP A 543 -9.62 -43.19 -10.63
N ILE A 544 -10.29 -42.16 -10.14
CA ILE A 544 -9.68 -41.20 -9.23
C ILE A 544 -9.99 -41.44 -7.75
N PRO A 545 -8.98 -41.84 -6.97
CA PRO A 545 -9.17 -42.08 -5.52
C PRO A 545 -9.52 -40.77 -4.84
N ILE A 546 -10.56 -40.77 -4.01
CA ILE A 546 -10.95 -39.54 -3.31
C ILE A 546 -10.67 -39.58 -1.81
N PRO A 547 -9.59 -38.90 -1.38
CA PRO A 547 -9.12 -38.80 0.02
C PRO A 547 -10.03 -37.99 0.95
N LEU A 548 -10.43 -38.59 2.06
CA LEU A 548 -11.28 -37.92 3.04
C LEU A 548 -11.48 -38.81 4.26
N ASP A 549 -11.50 -38.21 5.45
CA ASP A 549 -11.69 -38.93 6.71
C ASP A 549 -13.05 -39.61 6.71
N ALA A 550 -13.06 -40.89 6.39
CA ALA A 550 -14.30 -41.67 6.31
C ALA A 550 -15.15 -41.76 7.59
N ARG A 551 -14.60 -41.35 8.72
CA ARG A 551 -15.33 -41.40 10.00
C ARG A 551 -16.42 -40.34 10.18
N GLY A 552 -17.67 -40.75 9.94
CA GLY A 552 -18.80 -39.84 10.06
C GLY A 552 -18.90 -38.94 8.85
N THR A 553 -18.57 -39.51 7.68
CA THR A 553 -18.58 -38.75 6.43
C THR A 553 -19.61 -39.23 5.42
N TRP A 554 -20.46 -38.31 4.99
CA TRP A 554 -21.50 -38.61 4.02
C TRP A 554 -21.40 -37.65 2.85
N LEU A 555 -21.53 -38.19 1.64
CA LEU A 555 -21.43 -37.38 0.43
C LEU A 555 -22.77 -37.38 -0.30
N VAL A 556 -23.08 -36.26 -0.95
CA VAL A 556 -24.32 -36.13 -1.70
C VAL A 556 -24.03 -35.58 -3.10
N ASN A 557 -24.08 -36.47 -4.09
CA ASN A 557 -23.83 -36.12 -5.49
C ASN A 557 -24.81 -35.03 -5.93
N LEU A 558 -24.29 -33.81 -6.13
CA LEU A 558 -25.10 -32.65 -6.52
C LEU A 558 -25.69 -32.68 -7.93
N LEU A 559 -25.32 -33.69 -8.73
CA LEU A 559 -25.84 -33.78 -10.08
C LEU A 559 -27.05 -34.73 -10.07
N THR A 560 -26.86 -35.91 -9.50
CA THR A 560 -27.90 -36.93 -9.45
C THR A 560 -28.80 -36.87 -8.21
N GLY A 561 -28.26 -36.39 -7.10
CA GLY A 561 -29.05 -36.30 -5.88
C GLY A 561 -28.67 -37.46 -4.97
N GLU A 562 -28.22 -38.55 -5.61
CA GLU A 562 -27.81 -39.76 -4.92
C GLU A 562 -26.98 -39.46 -3.68
N ARG A 563 -26.91 -40.41 -2.75
CA ARG A 563 -26.15 -40.22 -1.54
C ARG A 563 -25.48 -41.53 -1.11
N PHE A 564 -24.50 -41.44 -0.21
CA PHE A 564 -23.79 -42.63 0.29
C PHE A 564 -22.72 -42.29 1.32
N ALA A 565 -22.14 -43.31 1.95
CA ALA A 565 -21.13 -43.10 2.97
C ALA A 565 -19.70 -43.47 2.61
N ALA A 566 -18.79 -43.10 3.50
CA ALA A 566 -17.36 -43.34 3.36
C ALA A 566 -16.85 -44.27 4.46
N GLU A 567 -16.06 -45.27 4.07
CA GLU A 567 -15.51 -46.24 5.01
C GLU A 567 -13.99 -46.24 5.02
N ALA A 568 -13.41 -47.19 5.75
CA ALA A 568 -11.96 -47.33 5.86
C ALA A 568 -11.29 -47.08 4.52
N GLU A 569 -11.71 -47.84 3.51
CA GLU A 569 -11.18 -47.71 2.16
C GLU A 569 -11.93 -46.59 1.44
N THR A 570 -11.39 -45.38 1.49
CA THR A 570 -12.01 -44.21 0.84
C THR A 570 -12.42 -44.51 -0.60
N LEU A 571 -13.70 -44.27 -0.89
CA LEU A 571 -14.25 -44.51 -2.22
C LEU A 571 -13.39 -43.95 -3.35
N CYS A 572 -13.55 -44.52 -4.53
CA CYS A 572 -12.80 -44.15 -5.72
C CYS A 572 -13.80 -43.76 -6.81
N THR A 573 -13.79 -42.50 -7.22
CA THR A 573 -14.71 -42.05 -8.25
C THR A 573 -14.22 -42.36 -9.65
N SER A 574 -15.16 -42.80 -10.50
CA SER A 574 -14.87 -43.13 -11.88
C SER A 574 -15.50 -42.06 -12.75
N LEU A 575 -14.72 -41.50 -13.66
CA LEU A 575 -15.22 -40.46 -14.53
C LEU A 575 -14.82 -40.76 -15.96
N PRO A 576 -15.67 -40.35 -16.92
CA PRO A 576 -15.39 -40.57 -18.33
C PRO A 576 -14.42 -39.48 -18.76
N PRO A 577 -13.95 -39.51 -20.01
CA PRO A 577 -13.02 -38.45 -20.43
C PRO A 577 -13.65 -37.07 -20.22
N TYR A 578 -12.94 -36.19 -19.51
CA TYR A 578 -13.42 -34.84 -19.23
C TYR A 578 -14.64 -34.82 -18.33
N GLY A 579 -14.78 -35.87 -17.53
CA GLY A 579 -15.90 -35.95 -16.61
C GLY A 579 -15.57 -35.18 -15.34
N PHE A 580 -16.60 -34.89 -14.55
CA PHE A 580 -16.42 -34.16 -13.32
C PHE A 580 -17.47 -34.67 -12.36
N VAL A 581 -17.52 -34.09 -11.16
CA VAL A 581 -18.51 -34.49 -10.17
C VAL A 581 -18.47 -33.64 -8.91
N LEU A 582 -19.64 -33.26 -8.40
CA LEU A 582 -19.70 -32.46 -7.19
C LEU A 582 -20.37 -33.20 -6.04
N TYR A 583 -19.63 -33.38 -4.96
CA TYR A 583 -20.14 -34.06 -3.79
C TYR A 583 -20.32 -33.10 -2.63
N ALA A 584 -21.40 -33.27 -1.87
CA ALA A 584 -21.64 -32.42 -0.71
C ALA A 584 -21.16 -33.27 0.47
N ILE A 585 -20.18 -32.77 1.21
CA ILE A 585 -19.63 -33.53 2.34
C ILE A 585 -20.28 -33.23 3.68
N GLU A 586 -20.70 -34.27 4.38
CA GLU A 586 -21.32 -34.11 5.69
C GLU A 586 -20.59 -34.92 6.77
N HIS A 587 -20.30 -34.25 7.89
CA HIS A 587 -19.60 -34.84 9.02
C HIS A 587 -20.54 -35.08 10.19
N TRP A 588 -20.84 -36.35 10.47
CA TRP A 588 -21.74 -36.69 11.56
C TRP A 588 -21.01 -37.42 12.68
N MET B 1 20.62 -20.08 -8.49
CA MET B 1 19.79 -18.96 -7.93
C MET B 1 18.63 -19.50 -7.09
N ARG B 2 18.32 -18.80 -6.00
CA ARG B 2 17.23 -19.21 -5.12
C ARG B 2 16.01 -18.37 -5.48
N LYS B 3 15.04 -18.99 -6.14
CA LYS B 3 13.83 -18.29 -6.53
C LYS B 3 13.07 -17.77 -5.32
N GLU B 4 13.15 -18.51 -4.22
CA GLU B 4 12.45 -18.12 -3.00
C GLU B 4 12.92 -16.83 -2.34
N ALA B 5 14.11 -16.35 -2.67
CA ALA B 5 14.61 -15.12 -2.07
C ALA B 5 14.43 -13.92 -2.99
N ILE B 6 14.06 -14.17 -4.23
CA ILE B 6 13.83 -13.12 -5.23
C ILE B 6 12.44 -12.52 -5.05
N TYR B 7 12.35 -11.19 -4.98
CA TYR B 7 11.06 -10.55 -4.78
C TYR B 7 10.88 -9.12 -5.29
N HIS B 8 9.70 -8.86 -5.84
CA HIS B 8 9.31 -7.53 -6.33
C HIS B 8 7.79 -7.49 -6.35
N ARG B 9 7.24 -6.30 -6.18
CA ARG B 9 5.80 -6.12 -6.27
C ARG B 9 5.58 -4.63 -6.50
N PRO B 10 4.90 -4.28 -7.60
CA PRO B 10 4.54 -2.95 -8.12
C PRO B 10 3.90 -1.95 -7.18
N ALA B 11 4.61 -1.60 -6.11
CA ALA B 11 4.07 -0.64 -5.15
C ALA B 11 5.11 -0.16 -4.16
N ASP B 12 4.69 0.82 -3.36
CA ASP B 12 5.52 1.39 -2.31
C ASP B 12 7.00 1.47 -2.61
N ASN B 13 7.80 0.86 -1.73
CA ASN B 13 9.26 0.87 -1.84
C ASN B 13 9.90 0.09 -2.96
N PHE B 14 9.14 -0.70 -3.71
CA PHE B 14 9.72 -1.48 -4.79
C PHE B 14 9.43 -0.87 -6.16
N ALA B 15 8.39 -0.04 -6.23
CA ALA B 15 7.99 0.60 -7.49
C ALA B 15 7.25 1.90 -7.22
N TYR B 16 7.83 3.02 -7.63
CA TYR B 16 7.19 4.30 -7.38
C TYR B 16 7.72 5.38 -8.31
N ALA B 17 6.98 6.49 -8.37
CA ALA B 17 7.37 7.61 -9.20
C ALA B 17 8.25 8.50 -8.32
N TYR B 18 9.37 8.94 -8.87
CA TYR B 18 10.27 9.81 -8.13
C TYR B 18 9.88 11.25 -8.42
N ASP B 19 9.44 11.49 -9.65
CA ASP B 19 8.99 12.80 -10.08
C ASP B 19 8.07 12.65 -11.28
N SER B 20 7.56 13.76 -11.80
CA SER B 20 6.63 13.72 -12.92
C SER B 20 7.00 12.80 -14.10
N GLU B 21 8.27 12.47 -14.28
CA GLU B 21 8.67 11.64 -15.42
C GLU B 21 9.55 10.45 -15.09
N THR B 22 10.23 10.48 -13.95
CA THR B 22 11.11 9.39 -13.58
C THR B 22 10.39 8.37 -12.69
N LEU B 23 10.78 7.10 -12.86
CA LEU B 23 10.18 6.00 -12.11
C LEU B 23 11.31 5.18 -11.49
N HIS B 24 11.16 4.80 -10.22
CA HIS B 24 12.18 4.01 -9.56
C HIS B 24 11.72 2.58 -9.35
N LEU B 25 12.63 1.63 -9.53
CA LEU B 25 12.30 0.23 -9.35
C LEU B 25 13.36 -0.50 -8.55
N ARG B 26 12.92 -1.40 -7.68
CA ARG B 26 13.84 -2.19 -6.88
C ARG B 26 13.52 -3.67 -7.03
N LEU B 27 14.52 -4.49 -6.77
CA LEU B 27 14.37 -5.92 -6.82
C LEU B 27 15.35 -6.45 -5.77
N ARG B 28 14.90 -7.38 -4.93
CA ARG B 28 15.83 -7.92 -3.95
C ARG B 28 16.06 -9.38 -4.24
N THR B 29 17.24 -9.84 -3.88
CA THR B 29 17.64 -11.22 -4.11
C THR B 29 18.48 -11.70 -2.94
N LYS B 30 18.68 -13.02 -2.86
CA LYS B 30 19.48 -13.55 -1.78
C LYS B 30 20.85 -12.90 -1.88
N LYS B 31 21.44 -12.60 -0.74
CA LYS B 31 22.74 -11.96 -0.72
C LYS B 31 23.75 -12.79 -1.51
N ASP B 32 24.50 -12.08 -2.37
CA ASP B 32 25.54 -12.67 -3.21
C ASP B 32 25.08 -13.81 -4.08
N ASP B 33 23.79 -13.92 -4.34
CA ASP B 33 23.29 -15.02 -5.15
C ASP B 33 23.20 -14.69 -6.63
N ILE B 34 23.08 -13.40 -6.95
CA ILE B 34 22.97 -12.95 -8.33
C ILE B 34 24.14 -12.04 -8.61
N ASP B 35 24.66 -12.07 -9.84
CA ASP B 35 25.80 -11.22 -10.19
C ASP B 35 25.36 -9.89 -10.78
N ARG B 36 24.46 -9.96 -11.74
CA ARG B 36 23.96 -8.75 -12.35
C ARG B 36 22.50 -8.96 -12.68
N VAL B 37 21.75 -7.86 -12.72
CA VAL B 37 20.32 -7.90 -12.99
C VAL B 37 19.97 -6.83 -14.02
N GLU B 38 19.19 -7.21 -15.01
CA GLU B 38 18.78 -6.25 -16.04
C GLU B 38 17.28 -6.07 -16.06
N LEU B 39 16.86 -4.80 -16.08
CA LEU B 39 15.45 -4.48 -16.12
C LEU B 39 14.92 -4.59 -17.53
N LEU B 40 13.93 -5.44 -17.74
CA LEU B 40 13.34 -5.57 -19.06
C LEU B 40 12.13 -4.63 -19.05
N HIS B 41 12.21 -3.53 -19.78
CA HIS B 41 11.13 -2.56 -19.78
C HIS B 41 10.69 -2.07 -21.17
N GLY B 42 9.42 -1.70 -21.27
CA GLY B 42 8.89 -1.21 -22.52
C GLY B 42 7.47 -0.73 -22.33
N ASP B 43 7.00 0.13 -23.22
CA ASP B 43 5.65 0.63 -23.15
C ASP B 43 4.75 -0.55 -23.48
N PRO B 44 3.62 -0.66 -22.78
CA PRO B 44 2.64 -1.73 -22.95
C PRO B 44 2.00 -1.87 -24.34
N TYR B 45 1.86 -0.76 -25.06
CA TYR B 45 1.22 -0.82 -26.36
C TYR B 45 2.15 -0.67 -27.54
N ASP B 46 3.44 -0.82 -27.30
CA ASP B 46 4.44 -0.70 -28.35
C ASP B 46 4.66 -2.07 -28.99
N TRP B 47 4.05 -2.27 -30.14
CA TRP B 47 4.15 -3.55 -30.84
C TRP B 47 4.53 -3.42 -32.30
N GLN B 48 5.07 -4.51 -32.84
CA GLN B 48 5.45 -4.53 -34.24
C GLN B 48 4.92 -5.82 -34.84
N ASN B 49 5.66 -6.90 -34.63
CA ASN B 49 5.27 -8.20 -35.15
C ASN B 49 4.29 -8.79 -34.14
N GLY B 50 4.64 -9.95 -33.59
CA GLY B 50 3.81 -10.57 -32.59
C GLY B 50 4.62 -10.42 -31.32
N ALA B 51 5.56 -9.48 -31.39
CA ALA B 51 6.49 -9.17 -30.31
C ALA B 51 6.26 -7.79 -29.69
N TRP B 52 6.43 -7.74 -28.37
CA TRP B 52 6.29 -6.51 -27.61
C TRP B 52 7.66 -5.85 -27.62
N GLN B 53 7.68 -4.54 -27.89
CA GLN B 53 8.94 -3.81 -27.98
C GLN B 53 9.49 -3.32 -26.65
N PHE B 54 10.51 -4.01 -26.17
CA PHE B 54 11.14 -3.66 -24.90
C PHE B 54 12.64 -3.40 -25.03
N GLN B 55 13.19 -2.80 -23.99
CA GLN B 55 14.60 -2.46 -23.92
C GLN B 55 15.17 -3.09 -22.65
N MET B 56 16.46 -3.34 -22.64
CA MET B 56 17.10 -3.93 -21.47
C MET B 56 17.94 -2.86 -20.79
N MET B 57 17.93 -2.86 -19.47
CA MET B 57 18.70 -1.88 -18.71
C MET B 57 19.36 -2.58 -17.55
N PRO B 58 20.59 -2.18 -17.21
CA PRO B 58 21.27 -2.82 -16.08
C PRO B 58 20.76 -2.23 -14.77
N MET B 59 20.74 -3.04 -13.72
CA MET B 59 20.32 -2.55 -12.41
C MET B 59 21.55 -2.58 -11.49
N ARG B 60 21.78 -1.52 -10.72
CA ARG B 60 22.95 -1.54 -9.83
C ARG B 60 22.62 -1.89 -8.38
N LYS B 61 23.47 -2.74 -7.79
CA LYS B 61 23.33 -3.14 -6.40
C LYS B 61 23.51 -1.87 -5.57
N THR B 62 22.45 -1.46 -4.88
CA THR B 62 22.49 -0.24 -4.07
C THR B 62 22.85 -0.48 -2.62
N GLY B 63 23.03 -1.75 -2.28
CA GLY B 63 23.37 -2.14 -0.93
C GLY B 63 22.71 -3.45 -0.62
N SER B 64 22.95 -3.97 0.57
CA SER B 64 22.34 -5.24 0.96
C SER B 64 22.30 -5.33 2.47
N ASP B 65 21.31 -6.04 3.01
CA ASP B 65 21.21 -6.18 4.45
C ASP B 65 21.71 -7.55 4.93
N GLU B 66 21.12 -8.06 5.99
CA GLU B 66 21.52 -9.33 6.57
C GLU B 66 21.26 -10.52 5.65
N LEU B 67 20.16 -10.49 4.89
CA LEU B 67 19.80 -11.62 4.02
C LEU B 67 19.77 -11.40 2.51
N PHE B 68 19.48 -10.17 2.09
CA PHE B 68 19.34 -9.88 0.67
C PHE B 68 20.24 -8.81 0.08
N ASP B 69 20.23 -8.78 -1.26
CA ASP B 69 20.94 -7.79 -2.06
C ASP B 69 19.78 -6.97 -2.60
N TYR B 70 20.01 -5.68 -2.84
CA TYR B 70 18.95 -4.84 -3.36
C TYR B 70 19.42 -4.19 -4.63
N TRP B 71 18.59 -4.28 -5.67
CA TRP B 71 18.94 -3.71 -6.95
C TRP B 71 18.08 -2.50 -7.27
N PHE B 72 18.64 -1.58 -8.03
CA PHE B 72 17.96 -0.34 -8.39
C PHE B 72 17.99 -0.03 -9.89
N ALA B 73 16.98 0.70 -10.34
CA ALA B 73 16.86 1.10 -11.73
C ALA B 73 15.97 2.32 -11.80
N GLU B 74 16.44 3.35 -12.49
CA GLU B 74 15.68 4.57 -12.67
C GLU B 74 15.25 4.63 -14.13
N VAL B 75 13.96 4.80 -14.38
CA VAL B 75 13.48 4.83 -15.76
C VAL B 75 12.48 5.93 -16.04
N LYS B 76 12.69 6.64 -17.14
CA LYS B 76 11.79 7.71 -17.55
C LYS B 76 11.06 7.14 -18.76
N PRO B 77 9.88 6.52 -18.54
CA PRO B 77 9.08 5.93 -19.63
C PRO B 77 8.71 6.95 -20.70
N PRO B 78 8.89 6.58 -21.98
CA PRO B 78 8.59 7.43 -23.14
C PRO B 78 7.19 8.06 -23.15
N TYR B 79 6.15 7.27 -22.90
CA TYR B 79 4.83 7.85 -22.86
C TYR B 79 4.20 7.69 -21.47
N ARG B 80 5.09 7.59 -20.47
CA ARG B 80 4.69 7.47 -19.07
C ARG B 80 3.94 6.19 -18.69
N ARG B 81 4.07 5.16 -19.52
CA ARG B 81 3.41 3.88 -19.25
C ARG B 81 4.48 2.81 -19.28
N LEU B 82 4.36 1.77 -18.46
CA LEU B 82 5.41 0.76 -18.44
C LEU B 82 5.06 -0.68 -18.02
N ARG B 83 5.62 -1.63 -18.76
CA ARG B 83 5.46 -3.05 -18.46
C ARG B 83 6.90 -3.52 -18.31
N TYR B 84 7.20 -4.30 -17.28
CA TYR B 84 8.58 -4.73 -17.08
C TYR B 84 8.77 -6.05 -16.38
N GLY B 85 9.98 -6.56 -16.54
CA GLY B 85 10.34 -7.82 -15.92
C GLY B 85 11.78 -7.67 -15.51
N PHE B 86 12.37 -8.77 -15.06
CA PHE B 86 13.76 -8.75 -14.61
C PHE B 86 14.49 -9.98 -15.12
N VAL B 87 15.69 -9.76 -15.63
CA VAL B 87 16.51 -10.85 -16.11
C VAL B 87 17.64 -10.98 -15.10
N LEU B 88 17.66 -12.12 -14.41
CA LEU B 88 18.69 -12.34 -13.40
C LEU B 88 19.76 -13.30 -13.89
N TYR B 89 21.02 -12.86 -13.78
CA TYR B 89 22.16 -13.66 -14.21
C TYR B 89 23.04 -14.07 -13.04
N SER B 90 23.59 -15.27 -13.13
CA SER B 90 24.49 -15.81 -12.13
C SER B 90 25.54 -16.62 -12.89
N GLY B 91 26.65 -15.98 -13.24
CA GLY B 91 27.66 -16.69 -13.99
C GLY B 91 27.11 -16.94 -15.38
N GLU B 92 26.35 -15.96 -15.86
CA GLU B 92 25.73 -15.99 -17.18
C GLU B 92 24.70 -17.11 -17.36
N GLU B 93 23.89 -17.31 -16.33
CA GLU B 93 22.82 -18.30 -16.31
C GLU B 93 21.55 -17.46 -16.22
N LYS B 94 20.74 -17.46 -17.27
CA LYS B 94 19.53 -16.65 -17.29
C LYS B 94 18.40 -17.17 -16.42
N LEU B 95 17.53 -16.26 -16.03
CA LEU B 95 16.38 -16.56 -15.20
C LEU B 95 15.51 -15.31 -15.31
N VAL B 96 14.29 -15.47 -15.82
CA VAL B 96 13.39 -14.34 -15.99
C VAL B 96 12.32 -14.25 -14.93
N TYR B 97 12.31 -13.12 -14.23
CA TYR B 97 11.34 -12.91 -13.16
C TYR B 97 10.22 -11.99 -13.63
N THR B 98 8.98 -12.46 -13.51
CA THR B 98 7.83 -11.70 -13.96
C THR B 98 6.69 -11.77 -12.95
N GLU B 99 5.57 -11.15 -13.29
CA GLU B 99 4.42 -11.21 -12.39
C GLU B 99 3.81 -12.59 -12.43
N LYS B 100 4.10 -13.33 -13.50
CA LYS B 100 3.56 -14.68 -13.66
C LYS B 100 4.56 -15.78 -13.33
N GLY B 101 5.52 -15.46 -12.47
CA GLY B 101 6.50 -16.45 -12.08
C GLY B 101 7.79 -16.30 -12.85
N PHE B 102 8.62 -17.34 -12.80
CA PHE B 102 9.90 -17.33 -13.50
C PHE B 102 9.91 -18.13 -14.80
N TYR B 103 10.87 -17.80 -15.68
CA TYR B 103 11.01 -18.50 -16.95
C TYR B 103 12.50 -18.57 -17.26
N PHE B 104 12.86 -19.37 -18.27
CA PHE B 104 14.25 -19.50 -18.68
C PHE B 104 14.52 -18.53 -19.81
N GLU B 105 13.49 -18.30 -20.61
CA GLU B 105 13.58 -17.40 -21.73
C GLU B 105 12.54 -16.31 -21.57
N VAL B 106 12.82 -15.15 -22.15
CA VAL B 106 11.92 -14.01 -22.06
C VAL B 106 10.62 -14.20 -22.83
N PRO B 107 9.47 -13.98 -22.15
CA PRO B 107 8.17 -14.12 -22.81
C PRO B 107 8.10 -12.93 -23.76
N THR B 108 7.42 -13.08 -24.89
CA THR B 108 7.36 -11.97 -25.84
C THR B 108 6.06 -11.79 -26.60
N ASP B 109 5.18 -12.78 -26.52
CA ASP B 109 3.91 -12.70 -27.23
C ASP B 109 2.82 -11.95 -26.50
N ASP B 110 2.98 -11.75 -25.19
CA ASP B 110 2.00 -11.04 -24.39
C ASP B 110 2.62 -10.34 -23.19
N THR B 111 2.19 -9.10 -22.95
CA THR B 111 2.70 -8.28 -21.84
C THR B 111 2.08 -8.58 -20.49
N ALA B 112 1.18 -9.55 -20.44
CA ALA B 112 0.53 -9.91 -19.19
C ALA B 112 1.45 -10.68 -18.22
N TYR B 113 2.59 -11.16 -18.71
CA TYR B 113 3.51 -11.89 -17.84
C TYR B 113 4.22 -10.89 -16.93
N TYR B 114 4.27 -9.66 -17.40
CA TYR B 114 5.00 -8.59 -16.74
C TYR B 114 4.35 -7.72 -15.66
N PHE B 115 5.17 -7.26 -14.72
CA PHE B 115 4.72 -6.38 -13.65
C PHE B 115 4.29 -5.13 -14.39
N CYS B 116 3.55 -4.26 -13.72
CA CYS B 116 3.11 -3.08 -14.43
C CYS B 116 2.98 -1.84 -13.60
N PHE B 117 3.37 -0.73 -14.21
CA PHE B 117 3.22 0.58 -13.60
C PHE B 117 2.41 1.31 -14.68
N PRO B 118 1.09 1.18 -14.61
CA PRO B 118 0.15 1.79 -15.56
C PRO B 118 0.40 3.21 -16.06
N PHE B 119 0.69 4.15 -15.17
CA PHE B 119 0.91 5.55 -15.58
C PHE B 119 1.56 6.40 -14.48
N LEU B 120 2.39 7.36 -14.86
CA LEU B 120 3.04 8.26 -13.91
C LEU B 120 2.19 9.51 -13.81
N HIS B 121 1.55 9.72 -12.68
CA HIS B 121 0.70 10.89 -12.47
C HIS B 121 1.35 11.85 -11.51
N ARG B 122 1.52 13.09 -11.93
CA ARG B 122 2.14 14.07 -11.05
C ARG B 122 1.38 14.18 -9.74
N VAL B 123 0.05 14.15 -9.83
CA VAL B 123 -0.80 14.26 -8.65
C VAL B 123 -0.68 13.14 -7.62
N ASP B 124 -0.19 11.97 -8.02
CA ASP B 124 -0.04 10.85 -7.07
C ASP B 124 1.36 10.76 -6.52
N LEU B 125 2.20 11.65 -7.02
CA LEU B 125 3.59 11.70 -6.62
C LEU B 125 3.70 11.95 -5.11
N PHE B 126 4.65 11.29 -4.45
CA PHE B 126 4.82 11.55 -3.02
C PHE B 126 5.56 12.87 -2.99
N GLU B 127 5.24 13.73 -2.05
CA GLU B 127 5.90 15.03 -1.98
C GLU B 127 5.86 15.71 -0.63
N ALA B 128 7.02 15.78 0.00
CA ALA B 128 7.15 16.45 1.29
C ALA B 128 7.75 17.82 1.03
N PRO B 129 7.39 18.82 1.86
CA PRO B 129 7.92 20.17 1.68
C PRO B 129 9.45 20.15 1.63
N ASP B 130 9.98 20.62 0.50
CA ASP B 130 11.42 20.64 0.23
C ASP B 130 12.36 21.26 1.26
N TRP B 131 11.92 22.28 1.97
CA TRP B 131 12.79 22.93 2.94
C TRP B 131 13.26 22.03 4.08
N VAL B 132 12.42 21.11 4.50
CA VAL B 132 12.79 20.21 5.58
C VAL B 132 14.05 19.43 5.23
N LYS B 133 14.15 19.00 3.98
CA LYS B 133 15.32 18.25 3.53
C LYS B 133 16.63 18.87 3.98
N ASP B 134 16.66 20.19 4.13
CA ASP B 134 17.87 20.91 4.56
C ASP B 134 17.78 21.41 6.00
N THR B 135 16.68 21.13 6.68
CA THR B 135 16.52 21.59 8.04
C THR B 135 17.19 20.68 9.05
N VAL B 136 17.51 21.26 10.20
CA VAL B 136 18.11 20.53 11.29
C VAL B 136 17.33 21.02 12.50
N TRP B 137 16.45 20.15 13.01
CA TRP B 137 15.61 20.50 14.15
C TRP B 137 16.24 20.35 15.53
N TYR B 138 15.60 21.03 16.48
CA TYR B 138 16.02 21.04 17.87
C TYR B 138 14.73 20.91 18.70
N GLN B 139 14.45 19.71 19.20
CA GLN B 139 13.24 19.48 19.99
C GLN B 139 13.32 20.05 21.40
N ILE B 140 12.32 20.87 21.77
CA ILE B 140 12.32 21.47 23.10
C ILE B 140 11.12 21.04 23.94
N PHE B 141 11.41 20.71 25.21
CA PHE B 141 10.40 20.32 26.19
C PHE B 141 10.24 21.59 27.04
N PRO B 142 9.30 22.47 26.66
CA PRO B 142 8.99 23.76 27.31
C PRO B 142 9.13 23.89 28.83
N GLU B 143 8.54 22.99 29.58
CA GLU B 143 8.62 23.06 31.04
C GLU B 143 10.07 23.03 31.53
N ARG B 144 11.01 22.62 30.68
CA ARG B 144 12.41 22.51 31.11
C ARG B 144 13.49 23.24 30.33
N PHE B 145 13.11 24.10 29.39
CA PHE B 145 14.13 24.79 28.62
C PHE B 145 14.65 26.04 29.33
N ALA B 146 13.77 27.00 29.60
CA ALA B 146 14.20 28.21 30.28
C ALA B 146 13.01 28.94 30.92
N ASN B 147 13.24 29.55 32.07
CA ASN B 147 12.17 30.27 32.74
C ASN B 147 12.30 31.77 32.48
N GLY B 148 11.85 32.21 31.31
CA GLY B 148 11.94 33.62 30.95
C GLY B 148 10.91 34.52 31.61
N ASN B 149 10.00 33.92 32.38
CA ASN B 149 8.96 34.66 33.08
C ASN B 149 8.50 33.89 34.29
N PRO B 150 9.02 34.24 35.47
CA PRO B 150 8.65 33.57 36.71
C PRO B 150 7.24 33.82 37.17
N SER B 151 6.73 35.03 36.94
CA SER B 151 5.38 35.37 37.36
C SER B 151 4.35 34.32 36.97
N ILE B 152 4.54 33.64 35.84
CA ILE B 152 3.56 32.62 35.46
C ILE B 152 4.00 31.18 35.68
N SER B 153 5.02 31.01 36.52
CA SER B 153 5.54 29.68 36.86
C SER B 153 4.58 29.05 37.86
N PRO B 154 4.24 27.77 37.66
CA PRO B 154 3.33 27.11 38.58
C PRO B 154 3.77 27.23 40.02
N GLU B 155 2.80 27.29 40.93
CA GLU B 155 3.14 27.35 42.35
C GLU B 155 3.84 26.00 42.59
N GLY B 156 4.89 26.01 43.40
CA GLY B 156 5.58 24.76 43.66
C GLY B 156 6.81 24.56 42.80
N SER B 157 6.97 25.38 41.77
CA SER B 157 8.13 25.28 40.88
C SER B 157 9.38 25.19 41.74
N ARG B 158 10.21 24.20 41.46
CA ARG B 158 11.43 23.99 42.21
C ARG B 158 12.57 24.80 41.62
N PRO B 159 13.59 25.14 42.43
CA PRO B 159 14.71 25.91 41.91
C PRO B 159 15.29 25.25 40.66
N TRP B 160 15.20 25.97 39.56
CA TRP B 160 15.64 25.51 38.26
C TRP B 160 16.88 24.61 38.23
N GLY B 161 16.68 23.38 37.77
CA GLY B 161 17.76 22.41 37.62
C GLY B 161 18.46 21.90 38.86
N SER B 162 17.83 22.01 40.03
CA SER B 162 18.43 21.57 41.28
C SER B 162 18.03 20.17 41.70
N GLU B 163 16.83 19.75 41.32
CA GLU B 163 16.35 18.42 41.67
C GLU B 163 16.07 17.64 40.41
N ASP B 164 15.96 16.32 40.54
CA ASP B 164 15.66 15.47 39.40
C ASP B 164 14.20 15.61 39.03
N PRO B 165 13.89 15.50 37.75
CA PRO B 165 12.50 15.63 37.32
C PRO B 165 11.66 14.48 37.85
N THR B 166 10.43 14.79 38.23
CA THR B 166 9.49 13.79 38.73
C THR B 166 8.32 13.83 37.76
N PRO B 167 7.46 12.81 37.80
CA PRO B 167 6.34 12.86 36.85
C PRO B 167 5.41 14.05 37.07
N THR B 168 5.51 14.67 38.24
CA THR B 168 4.64 15.79 38.59
C THR B 168 5.33 17.09 39.02
N SER B 169 6.64 17.18 38.84
CA SER B 169 7.37 18.38 39.23
C SER B 169 7.29 19.44 38.13
N PHE B 170 7.60 20.67 38.52
CA PHE B 170 7.58 21.80 37.61
C PHE B 170 8.78 22.67 37.93
N PHE B 171 9.32 23.33 36.92
CA PHE B 171 10.46 24.19 37.12
C PHE B 171 10.26 25.61 36.57
N GLY B 172 9.12 25.87 35.94
CA GLY B 172 8.85 27.20 35.41
C GLY B 172 9.22 27.49 33.96
N GLY B 173 9.46 26.45 33.16
CA GLY B 173 9.80 26.69 31.76
C GLY B 173 8.67 27.37 31.01
N ASP B 174 9.01 28.30 30.13
CA ASP B 174 7.98 29.02 29.38
C ASP B 174 8.41 29.46 27.98
N LEU B 175 7.44 29.83 27.16
CA LEU B 175 7.71 30.28 25.80
C LEU B 175 8.66 31.47 25.77
N GLN B 176 8.54 32.35 26.75
CA GLN B 176 9.41 33.52 26.84
C GLN B 176 10.88 33.09 26.93
N GLY B 177 11.14 31.99 27.64
CA GLY B 177 12.50 31.48 27.78
C GLY B 177 13.10 31.04 26.45
N ILE B 178 12.29 30.38 25.63
CA ILE B 178 12.77 29.93 24.34
C ILE B 178 13.15 31.16 23.51
N ILE B 179 12.38 32.23 23.67
CA ILE B 179 12.67 33.48 22.96
C ILE B 179 14.03 34.01 23.43
N ASP B 180 14.24 34.01 24.75
CA ASP B 180 15.49 34.51 25.35
C ASP B 180 16.77 33.77 24.92
N HIS B 181 16.62 32.59 24.35
CA HIS B 181 17.79 31.82 23.96
C HIS B 181 17.90 31.50 22.49
N LEU B 182 17.01 32.05 21.67
CA LEU B 182 17.05 31.77 20.23
C LEU B 182 18.44 31.99 19.63
N ASP B 183 19.22 32.93 20.19
CA ASP B 183 20.56 33.19 19.68
C ASP B 183 21.48 31.99 19.90
N TYR B 184 21.32 31.33 21.05
CA TYR B 184 22.12 30.16 21.36
C TYR B 184 21.86 29.15 20.24
N LEU B 185 20.62 29.05 19.82
CA LEU B 185 20.24 28.11 18.78
C LEU B 185 20.69 28.56 17.39
N VAL B 186 20.55 29.85 17.11
CA VAL B 186 20.96 30.39 15.82
C VAL B 186 22.45 30.13 15.71
N ASP B 187 23.18 30.33 16.81
CA ASP B 187 24.61 30.10 16.85
C ASP B 187 24.93 28.63 16.60
N LEU B 188 24.07 27.76 17.12
CA LEU B 188 24.26 26.32 16.98
C LEU B 188 24.20 25.88 15.52
N GLY B 189 23.28 26.49 14.77
CA GLY B 189 23.10 26.15 13.37
C GLY B 189 21.68 25.63 13.20
N ILE B 190 20.92 25.65 14.29
CA ILE B 190 19.55 25.18 14.27
C ILE B 190 18.69 26.00 13.31
N THR B 191 17.86 25.30 12.56
CA THR B 191 17.00 25.95 11.58
C THR B 191 15.56 25.48 11.66
N GLY B 192 15.16 24.97 12.82
CA GLY B 192 13.81 24.50 13.00
C GLY B 192 13.59 24.01 14.43
N ILE B 193 12.49 24.44 15.05
CA ILE B 193 12.22 24.03 16.41
C ILE B 193 10.93 23.25 16.51
N TYR B 194 11.01 22.09 17.17
CA TYR B 194 9.86 21.24 17.37
C TYR B 194 9.55 21.29 18.88
N LEU B 195 8.37 21.83 19.19
CA LEU B 195 7.92 21.98 20.57
C LEU B 195 6.92 20.89 20.94
N THR B 196 7.07 20.35 22.14
CA THR B 196 6.17 19.33 22.63
C THR B 196 4.89 20.08 23.03
N PRO B 197 3.79 19.36 23.28
CA PRO B 197 2.53 20.01 23.65
C PRO B 197 2.67 21.34 24.41
N ILE B 198 1.95 22.37 23.95
CA ILE B 198 1.97 23.68 24.59
C ILE B 198 0.56 24.22 24.89
N PHE B 199 -0.47 23.51 24.45
CA PHE B 199 -1.84 23.97 24.71
C PHE B 199 -2.23 23.61 26.15
N ARG B 200 -3.23 24.30 26.70
CA ARG B 200 -3.66 24.10 28.09
C ARG B 200 -3.84 22.67 28.60
N SER B 201 -3.11 22.37 29.67
CA SER B 201 -3.14 21.07 30.32
C SER B 201 -2.57 21.19 31.73
N PRO B 202 -2.99 20.32 32.65
CA PRO B 202 -2.48 20.38 34.02
C PRO B 202 -1.06 19.81 34.22
N SER B 203 -0.76 18.68 33.59
CA SER B 203 0.55 18.05 33.74
C SER B 203 1.69 18.91 33.23
N ASN B 204 2.93 18.46 33.49
CA ASN B 204 4.11 19.18 33.04
C ASN B 204 4.48 18.82 31.59
N HIS B 205 4.00 17.68 31.11
CA HIS B 205 4.27 17.24 29.74
C HIS B 205 3.17 17.67 28.77
N LYS B 206 1.99 18.00 29.30
CA LYS B 206 0.86 18.47 28.49
C LYS B 206 0.20 17.54 27.47
N TYR B 207 0.35 16.23 27.64
CA TYR B 207 -0.25 15.28 26.70
C TYR B 207 -1.69 14.91 27.03
N ASP B 208 -2.23 15.51 28.08
CA ASP B 208 -3.61 15.28 28.50
C ASP B 208 -4.32 16.61 28.32
N THR B 209 -4.48 16.98 27.04
CA THR B 209 -5.10 18.23 26.62
C THR B 209 -6.41 18.61 27.30
N ALA B 210 -6.45 19.84 27.79
CA ALA B 210 -7.64 20.37 28.46
C ALA B 210 -8.39 21.26 27.47
N ASP B 211 -7.63 21.94 26.61
CA ASP B 211 -8.21 22.80 25.60
C ASP B 211 -7.24 23.01 24.46
N TYR B 212 -7.59 22.48 23.30
CA TYR B 212 -6.74 22.59 22.11
C TYR B 212 -6.65 24.00 21.54
N PHE B 213 -7.50 24.90 22.00
CA PHE B 213 -7.46 26.24 21.47
C PHE B 213 -6.75 27.29 22.30
N GLU B 214 -6.13 26.88 23.40
CA GLU B 214 -5.41 27.86 24.17
C GLU B 214 -4.06 27.40 24.64
N VAL B 215 -3.11 28.33 24.63
CA VAL B 215 -1.76 28.10 25.07
C VAL B 215 -1.82 27.92 26.58
N ASP B 216 -1.07 26.99 27.14
CA ASP B 216 -1.11 26.82 28.58
C ASP B 216 -0.70 28.15 29.23
N PRO B 217 -1.49 28.61 30.21
CA PRO B 217 -1.20 29.87 30.91
C PRO B 217 0.21 29.92 31.51
N HIS B 218 0.72 28.76 31.91
CA HIS B 218 2.04 28.71 32.50
C HIS B 218 3.17 28.81 31.49
N PHE B 219 2.85 28.65 30.21
CA PHE B 219 3.85 28.75 29.16
C PHE B 219 3.86 30.17 28.58
N GLY B 220 2.68 30.79 28.59
CA GLY B 220 2.53 32.12 28.07
C GLY B 220 1.16 32.29 27.45
N ASP B 221 1.04 33.24 26.53
CA ASP B 221 -0.22 33.50 25.89
C ASP B 221 -0.05 33.49 24.37
N LYS B 222 -1.14 33.73 23.65
CA LYS B 222 -1.09 33.75 22.20
C LYS B 222 -0.18 34.88 21.72
N GLU B 223 -0.09 35.92 22.53
CA GLU B 223 0.75 37.06 22.20
C GLU B 223 2.22 36.61 22.12
N THR B 224 2.65 35.86 23.14
CA THR B 224 4.01 35.35 23.25
C THR B 224 4.35 34.33 22.17
N LEU B 225 3.43 33.43 21.89
CA LEU B 225 3.65 32.41 20.87
C LEU B 225 3.88 33.14 19.54
N LYS B 226 3.14 34.21 19.33
CA LYS B 226 3.27 35.01 18.11
C LYS B 226 4.72 35.48 18.05
N THR B 227 5.13 36.17 19.12
CA THR B 227 6.47 36.72 19.23
C THR B 227 7.54 35.68 18.90
N LEU B 228 7.44 34.50 19.50
CA LEU B 228 8.40 33.43 19.27
C LEU B 228 8.42 33.01 17.81
N ILE B 229 7.27 32.59 17.28
CA ILE B 229 7.20 32.14 15.88
C ILE B 229 7.73 33.19 14.90
N ASP B 230 7.44 34.46 15.16
CA ASP B 230 7.91 35.54 14.29
C ASP B 230 9.41 35.77 14.39
N ARG B 231 9.96 35.74 15.60
CA ARG B 231 11.40 35.94 15.77
C ARG B 231 12.17 34.76 15.20
N CYS B 232 11.61 33.56 15.30
CA CYS B 232 12.28 32.41 14.73
C CYS B 232 12.39 32.67 13.23
N HIS B 233 11.24 32.88 12.59
CA HIS B 233 11.17 33.15 11.16
C HIS B 233 12.13 34.26 10.75
N GLU B 234 12.21 35.31 11.56
CA GLU B 234 13.12 36.40 11.26
C GLU B 234 14.55 35.87 11.17
N LYS B 235 14.86 34.87 11.99
CA LYS B 235 16.19 34.29 12.02
C LYS B 235 16.28 33.00 11.20
N GLY B 236 15.23 32.73 10.44
CA GLY B 236 15.17 31.56 9.58
C GLY B 236 14.96 30.24 10.29
N ILE B 237 14.03 30.22 11.24
CA ILE B 237 13.77 29.00 11.98
C ILE B 237 12.29 28.64 11.95
N ARG B 238 11.99 27.45 11.44
CA ARG B 238 10.62 26.97 11.36
C ARG B 238 10.17 26.46 12.72
N VAL B 239 8.85 26.49 12.95
CA VAL B 239 8.29 26.04 14.20
C VAL B 239 7.31 24.91 13.96
N MET B 240 7.42 23.84 14.74
CA MET B 240 6.51 22.71 14.60
C MET B 240 5.91 22.40 15.97
N LEU B 241 4.60 22.53 16.10
CA LEU B 241 3.92 22.25 17.35
C LEU B 241 3.53 20.78 17.40
N ASP B 242 3.12 20.32 18.58
CA ASP B 242 2.75 18.93 18.77
C ASP B 242 1.24 18.76 18.81
N ALA B 243 0.73 17.85 17.99
CA ALA B 243 -0.71 17.60 17.90
C ALA B 243 -1.12 16.31 18.61
N VAL B 244 -1.83 16.45 19.73
CA VAL B 244 -2.29 15.30 20.48
C VAL B 244 -3.75 15.05 20.14
N PHE B 245 -4.00 14.45 18.97
CA PHE B 245 -5.37 14.18 18.53
C PHE B 245 -5.91 12.79 18.84
N ASN B 246 -5.04 11.86 19.18
CA ASN B 246 -5.51 10.50 19.47
C ASN B 246 -6.40 10.45 20.70
N HIS B 247 -6.04 11.21 21.71
CA HIS B 247 -6.76 11.22 22.97
C HIS B 247 -6.68 12.58 23.61
N CYS B 248 -7.78 13.01 24.23
CA CYS B 248 -7.83 14.29 24.92
C CYS B 248 -7.45 14.07 26.38
N GLY B 249 -7.48 15.13 27.17
CA GLY B 249 -7.17 15.03 28.59
C GLY B 249 -8.43 14.78 29.41
N TYR B 250 -8.24 14.56 30.71
CA TYR B 250 -9.37 14.30 31.60
C TYR B 250 -10.18 15.57 31.79
N GLU B 251 -9.47 16.70 31.81
CA GLU B 251 -10.07 18.00 32.01
C GLU B 251 -10.58 18.63 30.73
N PHE B 252 -10.79 17.80 29.72
CA PHE B 252 -11.28 18.28 28.42
C PHE B 252 -12.80 18.42 28.52
N ALA B 253 -13.29 19.64 28.37
CA ALA B 253 -14.72 19.95 28.46
C ALA B 253 -15.67 18.83 28.02
N PRO B 254 -15.68 18.48 26.72
CA PRO B 254 -16.58 17.42 26.26
C PRO B 254 -16.50 16.13 27.05
N PHE B 255 -15.34 15.82 27.62
CA PHE B 255 -15.22 14.60 28.40
C PHE B 255 -15.81 14.79 29.79
N GLN B 256 -15.66 15.98 30.35
CA GLN B 256 -16.20 16.28 31.67
C GLN B 256 -17.73 16.15 31.64
N ASP B 257 -18.32 16.50 30.50
CA ASP B 257 -19.77 16.43 30.34
C ASP B 257 -20.22 14.98 30.26
N VAL B 258 -19.51 14.17 29.48
CA VAL B 258 -19.86 12.75 29.34
C VAL B 258 -19.71 12.10 30.69
N TRP B 259 -18.84 12.65 31.52
CA TRP B 259 -18.62 12.11 32.84
C TRP B 259 -19.74 12.53 33.78
N LYS B 260 -20.19 13.79 33.66
CA LYS B 260 -21.25 14.31 34.52
C LYS B 260 -22.64 13.80 34.14
N ASN B 261 -23.12 14.17 32.96
CA ASN B 261 -24.44 13.75 32.50
C ASN B 261 -24.48 12.31 32.03
N GLY B 262 -23.31 11.75 31.73
CA GLY B 262 -23.25 10.38 31.26
C GLY B 262 -23.93 10.16 29.93
N GLU B 263 -24.64 9.04 29.80
CA GLU B 263 -25.32 8.67 28.57
C GLU B 263 -26.23 9.76 28.00
N SER B 264 -26.50 10.80 28.79
CA SER B 264 -27.34 11.89 28.34
C SER B 264 -26.50 12.80 27.46
N SER B 265 -25.30 13.10 27.93
CA SER B 265 -24.35 13.99 27.25
C SER B 265 -24.29 13.85 25.72
N LYS B 266 -24.38 14.99 25.04
CA LYS B 266 -24.35 15.03 23.58
C LYS B 266 -22.93 14.79 23.04
N TYR B 267 -22.04 14.38 23.94
CA TYR B 267 -20.64 14.12 23.59
C TYR B 267 -20.34 12.64 23.71
N LYS B 268 -21.33 11.87 24.17
CA LYS B 268 -21.18 10.43 24.35
C LYS B 268 -20.46 9.75 23.19
N ASP B 269 -20.79 10.16 21.97
CA ASP B 269 -20.19 9.57 20.78
C ASP B 269 -18.76 10.03 20.49
N TRP B 270 -18.38 11.18 21.04
CA TRP B 270 -17.06 11.75 20.85
C TRP B 270 -15.95 10.82 21.30
N PHE B 271 -16.29 9.84 22.14
CA PHE B 271 -15.29 8.91 22.66
C PHE B 271 -15.58 7.46 22.36
N HIS B 272 -14.80 6.59 22.98
CA HIS B 272 -14.95 5.16 22.78
C HIS B 272 -15.44 4.54 24.08
N ILE B 273 -16.67 4.85 24.44
CA ILE B 273 -17.28 4.37 25.67
C ILE B 273 -18.02 3.06 25.44
N HIS B 274 -17.78 2.09 26.32
CA HIS B 274 -18.38 0.78 26.20
C HIS B 274 -19.68 0.63 26.97
N GLU B 275 -19.75 1.23 28.14
CA GLU B 275 -20.95 1.14 28.96
C GLU B 275 -21.07 2.35 29.87
N PHE B 276 -22.30 2.80 30.09
CA PHE B 276 -22.53 3.96 30.94
C PHE B 276 -22.98 3.54 32.34
N PRO B 277 -22.62 4.34 33.35
CA PRO B 277 -21.82 5.56 33.19
C PRO B 277 -20.33 5.24 33.33
N LEU B 278 -19.49 6.24 33.06
CA LEU B 278 -18.05 6.09 33.12
C LEU B 278 -17.51 5.71 34.51
N GLN B 279 -16.40 5.00 34.52
CA GLN B 279 -15.76 4.57 35.77
C GLN B 279 -14.26 4.43 35.54
N THR B 280 -13.57 3.73 36.45
CA THR B 280 -12.13 3.54 36.32
C THR B 280 -11.50 2.56 37.29
N GLU B 281 -12.33 1.86 38.09
CA GLU B 281 -11.80 0.93 39.10
C GLU B 281 -10.89 -0.19 38.57
N PRO B 282 -11.46 -1.30 38.06
CA PRO B 282 -10.55 -2.34 37.57
C PRO B 282 -9.68 -1.81 36.43
N ARG B 283 -10.33 -1.03 35.55
CA ARG B 283 -9.69 -0.38 34.41
C ARG B 283 -10.79 0.52 33.87
N PRO B 284 -10.42 1.57 33.12
CA PRO B 284 -11.47 2.45 32.60
C PRO B 284 -12.42 1.65 31.71
N ASN B 285 -13.67 2.07 31.65
CA ASN B 285 -14.67 1.39 30.82
C ASN B 285 -14.89 2.18 29.53
N TYR B 286 -13.80 2.77 29.04
CA TYR B 286 -13.79 3.54 27.81
C TYR B 286 -12.35 3.46 27.37
N ASP B 287 -12.11 3.44 26.06
CA ASP B 287 -10.75 3.36 25.53
C ASP B 287 -9.89 4.55 25.90
N THR B 288 -8.62 4.28 26.20
CA THR B 288 -7.68 5.31 26.59
C THR B 288 -6.34 5.13 25.89
N PHE B 289 -5.44 6.07 26.09
CA PHE B 289 -4.11 5.90 25.52
C PHE B 289 -3.53 4.87 26.45
N ALA B 290 -3.12 3.73 25.92
CA ALA B 290 -2.58 2.68 26.75
C ALA B 290 -3.65 2.37 27.79
N PHE B 291 -3.31 2.46 29.07
CA PHE B 291 -4.27 2.24 30.14
C PHE B 291 -4.15 3.42 31.08
N VAL B 292 -4.26 4.62 30.52
CA VAL B 292 -4.14 5.86 31.29
C VAL B 292 -5.53 6.50 31.36
N PRO B 293 -6.20 6.36 32.50
CA PRO B 293 -7.55 6.91 32.71
C PRO B 293 -7.65 8.39 32.32
N GLN B 294 -6.65 9.17 32.68
CA GLN B 294 -6.64 10.61 32.39
C GLN B 294 -6.43 10.91 30.91
N MET B 295 -6.45 9.88 30.07
CA MET B 295 -6.25 10.05 28.64
C MET B 295 -7.24 9.24 27.80
N PRO B 296 -8.52 9.67 27.78
CA PRO B 296 -9.56 8.98 27.01
C PRO B 296 -9.37 9.14 25.50
N LYS B 297 -9.51 8.04 24.77
CA LYS B 297 -9.33 8.07 23.32
C LYS B 297 -10.44 8.81 22.59
N LEU B 298 -10.06 9.67 21.66
CA LEU B 298 -11.03 10.43 20.88
C LEU B 298 -11.55 9.58 19.74
N ASN B 299 -12.78 9.83 19.30
CA ASN B 299 -13.36 9.07 18.19
C ASN B 299 -13.32 9.87 16.91
N THR B 300 -12.16 9.85 16.25
CA THR B 300 -11.97 10.60 15.01
C THR B 300 -12.91 10.22 13.86
N ALA B 301 -13.83 9.30 14.10
CA ALA B 301 -14.78 8.90 13.07
C ALA B 301 -16.01 9.80 13.21
N ASN B 302 -16.29 10.22 14.43
CA ASN B 302 -17.42 11.10 14.69
C ASN B 302 -17.11 12.39 13.95
N PRO B 303 -18.02 12.82 13.05
CA PRO B 303 -17.84 14.06 12.28
C PRO B 303 -17.64 15.33 13.09
N GLU B 304 -18.11 15.36 14.34
CA GLU B 304 -17.93 16.54 15.18
C GLU B 304 -16.50 16.57 15.71
N VAL B 305 -16.03 15.43 16.19
CA VAL B 305 -14.66 15.33 16.69
C VAL B 305 -13.73 15.68 15.53
N LYS B 306 -14.02 15.09 14.38
CA LYS B 306 -13.21 15.31 13.19
C LYS B 306 -13.19 16.76 12.75
N ARG B 307 -14.32 17.44 12.86
CA ARG B 307 -14.43 18.84 12.49
C ARG B 307 -13.64 19.64 13.52
N TYR B 308 -13.77 19.27 14.79
CA TYR B 308 -13.05 19.97 15.85
C TYR B 308 -11.54 19.89 15.66
N LEU B 309 -11.00 18.67 15.69
CA LEU B 309 -9.56 18.48 15.51
C LEU B 309 -9.01 19.16 14.23
N LEU B 310 -9.76 19.07 13.13
CA LEU B 310 -9.36 19.73 11.88
C LEU B 310 -9.37 21.25 12.08
N ASP B 311 -10.27 21.74 12.91
CA ASP B 311 -10.32 23.18 13.15
C ASP B 311 -9.05 23.57 13.93
N VAL B 312 -8.70 22.74 14.91
CA VAL B 312 -7.51 22.96 15.73
C VAL B 312 -6.32 22.94 14.79
N ALA B 313 -6.34 21.99 13.88
CA ALA B 313 -5.26 21.80 12.91
C ALA B 313 -4.95 23.04 12.12
N THR B 314 -5.97 23.59 11.47
CA THR B 314 -5.85 24.77 10.63
C THR B 314 -5.82 26.09 11.41
N TYR B 315 -6.45 26.09 12.58
CA TYR B 315 -6.46 27.30 13.40
C TYR B 315 -5.04 27.83 13.62
N TRP B 316 -4.21 27.06 14.31
CA TRP B 316 -2.85 27.49 14.59
C TRP B 316 -2.03 27.84 13.36
N ILE B 317 -2.34 27.22 12.22
CA ILE B 317 -1.62 27.53 10.99
C ILE B 317 -2.06 28.92 10.57
N ARG B 318 -3.37 29.12 10.46
CA ARG B 318 -3.90 30.41 10.06
C ARG B 318 -3.49 31.55 10.98
N GLU B 319 -3.69 31.34 12.27
CA GLU B 319 -3.42 32.37 13.26
C GLU B 319 -1.98 32.61 13.66
N PHE B 320 -1.14 31.59 13.62
CA PHE B 320 0.25 31.78 14.01
C PHE B 320 1.29 31.40 12.97
N ASP B 321 0.82 30.80 11.90
CA ASP B 321 1.68 30.37 10.79
C ASP B 321 2.83 29.43 11.20
N ILE B 322 2.47 28.37 11.92
CA ILE B 322 3.45 27.38 12.34
C ILE B 322 3.85 26.60 11.08
N ASP B 323 5.04 25.99 11.08
CA ASP B 323 5.50 25.28 9.88
C ASP B 323 5.34 23.77 9.82
N GLY B 324 4.76 23.17 10.84
CA GLY B 324 4.60 21.74 10.81
C GLY B 324 3.86 21.19 12.01
N TRP B 325 3.30 20.00 11.81
CA TRP B 325 2.55 19.31 12.84
C TRP B 325 3.21 17.96 13.12
N ARG B 326 3.50 17.71 14.40
CA ARG B 326 4.08 16.45 14.84
C ARG B 326 2.86 15.73 15.42
N LEU B 327 2.31 14.78 14.68
CA LEU B 327 1.12 14.10 15.12
C LEU B 327 1.31 12.94 16.08
N ASP B 328 1.18 13.29 17.36
CA ASP B 328 1.33 12.37 18.47
C ASP B 328 0.50 11.11 18.31
N VAL B 329 1.13 9.96 18.54
CA VAL B 329 0.46 8.65 18.44
C VAL B 329 -0.39 8.57 17.17
N ALA B 330 0.11 9.16 16.10
CA ALA B 330 -0.61 9.20 14.85
C ALA B 330 -1.10 7.85 14.36
N ASN B 331 -0.33 6.81 14.61
CA ASN B 331 -0.72 5.48 14.13
C ASN B 331 -2.01 4.90 14.69
N GLU B 332 -2.49 5.42 15.81
CA GLU B 332 -3.72 4.88 16.38
C GLU B 332 -5.01 5.59 15.96
N ILE B 333 -4.87 6.53 15.02
CA ILE B 333 -5.99 7.27 14.48
C ILE B 333 -6.20 6.61 13.11
N ASP B 334 -7.40 6.75 12.53
CA ASP B 334 -7.70 6.13 11.23
C ASP B 334 -7.10 6.84 10.02
N HIS B 335 -6.90 6.09 8.94
CA HIS B 335 -6.34 6.67 7.72
C HIS B 335 -7.30 7.64 7.06
N GLU B 336 -8.60 7.37 7.18
CA GLU B 336 -9.61 8.22 6.58
C GLU B 336 -9.48 9.67 7.10
N PHE B 337 -9.13 9.80 8.37
CA PHE B 337 -8.96 11.10 8.98
C PHE B 337 -7.66 11.78 8.52
N TRP B 338 -6.60 10.99 8.44
CA TRP B 338 -5.31 11.51 8.01
C TRP B 338 -5.36 12.01 6.57
N ARG B 339 -6.25 11.44 5.77
CA ARG B 339 -6.37 11.88 4.39
C ARG B 339 -7.03 13.24 4.35
N GLU B 340 -8.08 13.41 5.15
CA GLU B 340 -8.78 14.69 5.21
C GLU B 340 -7.79 15.70 5.78
N PHE B 341 -7.17 15.32 6.90
CA PHE B 341 -6.20 16.16 7.59
C PHE B 341 -5.23 16.81 6.61
N ARG B 342 -4.68 16.00 5.72
CA ARG B 342 -3.72 16.49 4.76
C ARG B 342 -4.41 17.45 3.82
N GLN B 343 -5.48 17.02 3.17
CA GLN B 343 -6.20 17.88 2.25
C GLN B 343 -6.40 19.25 2.88
N GLU B 344 -6.87 19.28 4.13
CA GLU B 344 -7.09 20.57 4.76
C GLU B 344 -5.81 21.33 5.12
N VAL B 345 -4.90 20.67 5.81
CA VAL B 345 -3.64 21.32 6.16
C VAL B 345 -2.98 21.86 4.89
N LYS B 346 -2.61 20.96 3.98
CA LYS B 346 -1.96 21.34 2.73
C LYS B 346 -2.71 22.39 1.92
N ALA B 347 -4.04 22.37 1.98
CA ALA B 347 -4.81 23.35 1.23
C ALA B 347 -4.46 24.71 1.80
N LEU B 348 -4.53 24.81 3.12
CA LEU B 348 -4.23 26.05 3.80
C LEU B 348 -2.80 26.51 3.59
N LYS B 349 -1.85 25.58 3.66
CA LYS B 349 -0.44 25.92 3.50
C LYS B 349 0.37 24.74 2.99
N PRO B 350 0.57 24.67 1.67
CA PRO B 350 1.33 23.59 1.00
C PRO B 350 2.67 23.20 1.61
N ASP B 351 3.34 24.12 2.30
CA ASP B 351 4.65 23.79 2.85
C ASP B 351 4.72 23.45 4.33
N VAL B 352 3.62 22.96 4.87
CA VAL B 352 3.61 22.57 6.27
C VAL B 352 4.14 21.14 6.34
N TYR B 353 4.94 20.85 7.35
CA TYR B 353 5.52 19.53 7.54
C TYR B 353 4.62 18.69 8.45
N ILE B 354 3.92 17.74 7.86
CA ILE B 354 3.04 16.87 8.62
C ILE B 354 3.85 15.63 9.01
N LEU B 355 4.45 15.70 10.21
CA LEU B 355 5.27 14.62 10.75
C LEU B 355 4.48 13.72 11.70
N GLY B 356 4.25 12.48 11.32
CA GLY B 356 3.50 11.58 12.18
C GLY B 356 4.36 10.78 13.15
N GLN B 357 3.97 10.71 14.42
CA GLN B 357 4.77 9.94 15.39
C GLN B 357 4.33 8.49 15.32
N ILE B 358 5.09 7.69 14.58
CA ILE B 358 4.82 6.27 14.40
C ILE B 358 6.12 5.54 14.74
N TRP B 359 6.06 4.70 15.76
CA TRP B 359 7.22 3.99 16.26
C TRP B 359 7.48 2.62 15.60
N HIS B 360 7.26 2.52 14.29
CA HIS B 360 7.49 1.27 13.57
C HIS B 360 7.35 1.48 12.06
N ASP B 361 7.45 0.39 11.31
CA ASP B 361 7.30 0.43 9.85
C ASP B 361 6.06 1.23 9.43
N ALA B 362 6.28 2.39 8.81
CA ALA B 362 5.17 3.26 8.43
C ALA B 362 4.75 3.35 6.97
N MET B 363 5.24 2.44 6.13
CA MET B 363 4.89 2.48 4.71
C MET B 363 3.44 2.87 4.43
N PRO B 364 2.47 2.37 5.23
CA PRO B 364 1.07 2.73 5.00
C PRO B 364 0.74 4.22 5.15
N TRP B 365 1.46 4.92 6.02
CA TRP B 365 1.18 6.34 6.23
C TRP B 365 2.08 7.23 5.38
N LEU B 366 2.99 6.59 4.63
CA LEU B 366 3.93 7.33 3.79
C LEU B 366 3.77 7.13 2.28
N ARG B 367 2.54 7.07 1.81
CA ARG B 367 2.31 6.84 0.39
C ARG B 367 2.05 8.10 -0.40
N GLY B 368 1.92 9.23 0.30
CA GLY B 368 1.69 10.51 -0.37
C GLY B 368 0.35 11.16 -0.08
N ASP B 369 -0.59 10.36 0.40
CA ASP B 369 -1.90 10.87 0.71
C ASP B 369 -2.07 11.18 2.19
N GLN B 370 -0.99 11.07 2.96
CA GLN B 370 -1.07 11.33 4.41
C GLN B 370 0.10 12.11 5.01
N PHE B 371 1.01 11.44 5.72
CA PHE B 371 2.16 12.13 6.33
C PHE B 371 3.30 12.36 5.36
N ASP B 372 4.10 13.40 5.62
CA ASP B 372 5.26 13.71 4.79
C ASP B 372 6.44 12.92 5.35
N ALA B 373 6.28 12.44 6.59
CA ALA B 373 7.32 11.68 7.26
C ALA B 373 6.89 11.17 8.63
N VAL B 374 7.72 10.32 9.22
CA VAL B 374 7.46 9.77 10.53
C VAL B 374 8.76 9.84 11.33
N MET B 375 8.65 9.90 12.65
CA MET B 375 9.83 9.93 13.48
C MET B 375 10.50 8.57 13.36
N ASN B 376 11.70 8.57 12.77
CA ASN B 376 12.45 7.36 12.53
C ASN B 376 13.17 6.77 13.75
N TYR B 377 12.43 5.98 14.53
CA TYR B 377 12.98 5.34 15.70
C TYR B 377 13.85 4.15 15.31
N PRO B 378 13.51 3.47 14.20
CA PRO B 378 14.33 2.34 13.78
C PRO B 378 15.76 2.80 13.50
N PHE B 379 15.88 4.06 13.10
CA PHE B 379 17.18 4.67 12.84
C PHE B 379 17.84 4.85 14.19
N THR B 380 17.05 5.34 15.15
CA THR B 380 17.54 5.58 16.48
C THR B 380 18.10 4.32 17.08
N ASP B 381 17.42 3.20 16.83
CA ASP B 381 17.84 1.92 17.37
C ASP B 381 19.16 1.48 16.73
N GLY B 382 19.15 1.35 15.40
CA GLY B 382 20.34 0.94 14.70
C GLY B 382 21.56 1.72 15.12
N VAL B 383 21.44 3.05 15.14
CA VAL B 383 22.53 3.93 15.50
C VAL B 383 23.04 3.74 16.92
N LEU B 384 22.14 3.59 17.88
CA LEU B 384 22.50 3.41 19.28
C LEU B 384 23.12 2.03 19.57
N ARG B 385 22.68 1.00 18.86
CA ARG B 385 23.24 -0.32 19.09
C ARG B 385 24.65 -0.45 18.55
N PHE B 386 25.05 0.45 17.67
CA PHE B 386 26.40 0.36 17.13
C PHE B 386 27.36 1.31 17.85
N PHE B 387 27.07 2.61 17.82
CA PHE B 387 27.94 3.58 18.45
C PHE B 387 27.85 3.65 19.97
N ALA B 388 26.64 3.69 20.50
CA ALA B 388 26.43 3.77 21.94
C ALA B 388 26.72 2.47 22.70
N LYS B 389 25.83 1.50 22.54
CA LYS B 389 25.92 0.21 23.23
C LYS B 389 26.97 -0.81 22.71
N GLU B 390 27.48 -0.60 21.50
CA GLU B 390 28.46 -1.51 20.90
C GLU B 390 27.99 -2.97 20.95
N GLU B 391 26.72 -3.21 20.67
CA GLU B 391 26.15 -4.56 20.69
C GLU B 391 26.14 -5.23 19.30
N ILE B 392 26.58 -4.51 18.28
CA ILE B 392 26.61 -5.07 16.94
C ILE B 392 27.85 -4.62 16.17
N SER B 393 28.25 -5.44 15.20
CA SER B 393 29.41 -5.16 14.38
C SER B 393 29.04 -4.12 13.35
N ALA B 394 30.05 -3.55 12.70
CA ALA B 394 29.84 -2.52 11.69
C ALA B 394 29.14 -3.06 10.45
N ARG B 395 29.34 -4.33 10.13
CA ARG B 395 28.68 -4.90 8.97
C ARG B 395 27.20 -5.01 9.31
N GLN B 396 26.91 -5.46 10.53
CA GLN B 396 25.54 -5.59 10.98
C GLN B 396 24.88 -4.20 10.99
N PHE B 397 25.63 -3.20 11.46
CA PHE B 397 25.09 -1.84 11.49
C PHE B 397 24.73 -1.43 10.08
N ALA B 398 25.66 -1.65 9.16
CA ALA B 398 25.41 -1.30 7.78
C ALA B 398 24.17 -2.04 7.29
N ASN B 399 24.04 -3.31 7.66
CA ASN B 399 22.89 -4.11 7.23
C ASN B 399 21.56 -3.49 7.63
N GLN B 400 21.42 -3.20 8.93
CA GLN B 400 20.19 -2.62 9.46
C GLN B 400 19.86 -1.33 8.73
N MET B 401 20.88 -0.51 8.53
CA MET B 401 20.67 0.75 7.86
C MET B 401 20.15 0.49 6.46
N MET B 402 20.83 -0.39 5.74
CA MET B 402 20.39 -0.71 4.40
C MET B 402 18.98 -1.27 4.41
N HIS B 403 18.65 -2.00 5.48
CA HIS B 403 17.33 -2.59 5.64
C HIS B 403 16.24 -1.54 5.76
N VAL B 404 16.40 -0.63 6.71
CA VAL B 404 15.42 0.42 6.94
C VAL B 404 15.33 1.37 5.76
N LEU B 405 16.42 1.53 5.03
CA LEU B 405 16.42 2.44 3.90
C LEU B 405 15.77 1.84 2.65
N HIS B 406 15.99 0.56 2.40
CA HIS B 406 15.40 -0.06 1.22
C HIS B 406 13.95 -0.40 1.44
N SER B 407 13.48 -0.26 2.67
CA SER B 407 12.08 -0.55 2.97
C SER B 407 11.19 0.62 2.53
N TYR B 408 11.81 1.76 2.22
CA TYR B 408 11.08 2.94 1.78
C TYR B 408 11.56 3.50 0.45
N PRO B 409 10.70 4.28 -0.23
CA PRO B 409 11.03 4.90 -1.51
C PRO B 409 12.09 5.96 -1.23
N ASN B 410 12.93 6.27 -2.20
CA ASN B 410 13.97 7.28 -1.97
C ASN B 410 13.49 8.67 -1.56
N ASN B 411 12.38 9.11 -2.14
CA ASN B 411 11.87 10.43 -1.80
C ASN B 411 11.23 10.46 -0.41
N VAL B 412 10.94 9.29 0.14
CA VAL B 412 10.38 9.24 1.48
C VAL B 412 11.55 9.33 2.46
N ASN B 413 12.65 8.68 2.12
CA ASN B 413 13.84 8.69 2.96
C ASN B 413 14.44 10.11 3.01
N GLU B 414 14.13 10.89 1.98
CA GLU B 414 14.62 12.26 1.85
C GLU B 414 14.03 13.24 2.87
N ALA B 415 12.90 12.89 3.46
CA ALA B 415 12.24 13.76 4.42
C ALA B 415 12.10 13.11 5.79
N ALA B 416 12.86 12.05 6.02
CA ALA B 416 12.82 11.32 7.28
C ALA B 416 13.32 12.10 8.49
N PHE B 417 12.57 12.00 9.58
CA PHE B 417 12.90 12.68 10.83
C PHE B 417 13.89 11.82 11.61
N ASN B 418 15.18 12.10 11.49
CA ASN B 418 16.19 11.32 12.16
C ASN B 418 16.63 11.89 13.49
N LEU B 419 16.17 11.26 14.57
CA LEU B 419 16.51 11.70 15.91
C LEU B 419 17.28 10.59 16.60
N LEU B 420 18.06 10.97 17.61
CA LEU B 420 18.86 10.00 18.36
C LEU B 420 18.32 9.77 19.76
N GLY B 421 17.44 10.65 20.21
CA GLY B 421 16.86 10.54 21.53
C GLY B 421 15.71 11.52 21.59
N SER B 422 14.82 11.36 22.56
CA SER B 422 13.68 12.25 22.70
C SER B 422 13.25 12.23 24.13
N HIS B 423 12.18 12.96 24.45
CA HIS B 423 11.69 13.02 25.81
C HIS B 423 11.15 11.68 26.30
N ASP B 424 10.98 10.74 25.38
CA ASP B 424 10.45 9.43 25.72
C ASP B 424 11.53 8.35 25.77
N THR B 425 12.78 8.77 25.68
CA THR B 425 13.90 7.85 25.73
C THR B 425 14.99 8.46 26.59
N SER B 426 16.00 7.64 26.91
CA SER B 426 17.10 8.07 27.75
C SER B 426 18.06 8.96 26.97
N ARG B 427 18.89 9.68 27.72
CA ARG B 427 19.88 10.58 27.14
C ARG B 427 20.96 9.79 26.43
N ILE B 428 21.25 10.16 25.19
CA ILE B 428 22.28 9.46 24.43
C ILE B 428 23.60 9.38 25.20
N LEU B 429 23.92 10.40 25.99
CA LEU B 429 25.19 10.34 26.73
C LEU B 429 25.16 9.21 27.78
N THR B 430 24.01 9.04 28.42
CA THR B 430 23.87 8.02 29.43
C THR B 430 23.90 6.64 28.76
N VAL B 431 23.27 6.53 27.60
CA VAL B 431 23.27 5.27 26.88
C VAL B 431 24.72 4.96 26.50
N CYS B 432 25.46 6.00 26.15
CA CYS B 432 26.87 5.83 25.79
C CYS B 432 27.72 5.60 27.03
N GLY B 433 27.09 5.46 28.19
CA GLY B 433 27.84 5.22 29.41
C GLY B 433 28.75 6.36 29.86
N GLY B 434 28.48 7.57 29.38
CA GLY B 434 29.29 8.71 29.77
C GLY B 434 30.45 9.08 28.87
N ASP B 435 30.66 8.30 27.81
CA ASP B 435 31.74 8.52 26.86
C ASP B 435 31.43 9.57 25.79
N ILE B 436 31.86 10.81 26.02
CA ILE B 436 31.62 11.86 25.05
C ILE B 436 32.02 11.44 23.63
N ARG B 437 33.17 10.78 23.52
CA ARG B 437 33.69 10.32 22.25
C ARG B 437 32.63 9.57 21.47
N LYS B 438 31.84 8.76 22.17
CA LYS B 438 30.81 7.99 21.49
C LYS B 438 29.66 8.90 21.09
N VAL B 439 29.35 9.90 21.90
CA VAL B 439 28.28 10.80 21.53
C VAL B 439 28.73 11.55 20.29
N LYS B 440 30.01 11.90 20.23
CA LYS B 440 30.53 12.59 19.06
C LYS B 440 30.25 11.78 17.81
N LEU B 441 30.45 10.47 17.89
CA LEU B 441 30.20 9.60 16.76
C LEU B 441 28.73 9.59 16.37
N LEU B 442 27.85 9.59 17.37
CA LEU B 442 26.41 9.58 17.12
C LEU B 442 26.01 10.82 16.31
N PHE B 443 26.47 11.99 16.73
CA PHE B 443 26.15 13.22 15.99
C PHE B 443 26.75 13.19 14.60
N LEU B 444 27.95 12.64 14.47
CA LEU B 444 28.59 12.56 13.17
C LEU B 444 27.71 11.81 12.19
N PHE B 445 27.42 10.55 12.52
CA PHE B 445 26.62 9.73 11.65
C PHE B 445 25.27 10.35 11.42
N GLN B 446 24.75 11.00 12.45
CA GLN B 446 23.44 11.62 12.33
C GLN B 446 23.45 12.80 11.39
N LEU B 447 24.41 13.70 11.61
CA LEU B 447 24.52 14.91 10.83
C LEU B 447 25.16 14.76 9.44
N THR B 448 25.24 13.52 8.96
CA THR B 448 25.79 13.24 7.64
C THR B 448 24.87 12.25 6.91
N PHE B 449 23.72 11.97 7.53
CA PHE B 449 22.71 11.06 7.00
C PHE B 449 21.63 11.88 6.30
N THR B 450 21.12 11.36 5.18
CA THR B 450 20.08 12.03 4.42
C THR B 450 18.78 12.16 5.19
N GLY B 451 18.17 13.34 5.14
CA GLY B 451 16.90 13.53 5.83
C GLY B 451 16.81 14.80 6.64
N SER B 452 15.94 14.79 7.63
CA SER B 452 15.72 15.94 8.49
C SER B 452 16.05 15.54 9.94
N PRO B 453 17.34 15.56 10.32
CA PRO B 453 17.76 15.20 11.68
C PRO B 453 17.09 16.08 12.72
N CYS B 454 17.17 15.65 13.98
CA CYS B 454 16.58 16.40 15.08
C CYS B 454 17.35 16.14 16.37
N ILE B 455 17.90 17.20 16.93
CA ILE B 455 18.66 17.14 18.16
C ILE B 455 17.72 17.39 19.34
N TYR B 456 17.96 16.71 20.45
CA TYR B 456 17.14 16.87 21.65
C TYR B 456 17.86 17.84 22.58
N TYR B 457 17.15 18.87 23.05
CA TYR B 457 17.77 19.87 23.90
C TYR B 457 18.67 19.28 24.97
N GLY B 458 19.92 19.74 25.00
CA GLY B 458 20.85 19.24 26.00
C GLY B 458 21.83 18.19 25.51
N ASP B 459 21.49 17.49 24.44
CA ASP B 459 22.35 16.47 23.88
C ASP B 459 23.54 17.10 23.18
N GLU B 460 23.51 18.41 22.97
CA GLU B 460 24.60 19.09 22.28
C GLU B 460 25.65 19.56 23.28
N ILE B 461 25.22 19.73 24.53
CA ILE B 461 26.13 20.14 25.58
C ILE B 461 26.35 18.95 26.51
N GLY B 462 25.83 17.80 26.13
CA GLY B 462 25.99 16.58 26.91
C GLY B 462 25.21 16.38 28.21
N MET B 463 23.92 16.68 28.20
CA MET B 463 23.13 16.50 29.41
C MET B 463 23.01 14.99 29.70
N THR B 464 22.58 14.63 30.91
CA THR B 464 22.44 13.22 31.26
C THR B 464 21.09 12.90 31.85
N GLY B 465 20.80 11.60 32.00
CA GLY B 465 19.54 11.18 32.56
C GLY B 465 19.04 9.89 31.92
N GLY B 466 18.34 9.06 32.70
CA GLY B 466 17.82 7.82 32.17
C GLY B 466 16.56 8.11 31.38
N ASN B 467 15.66 7.14 31.32
CA ASN B 467 14.42 7.32 30.59
C ASN B 467 13.41 8.10 31.42
N ASP B 468 12.49 8.75 30.72
CA ASP B 468 11.39 9.54 31.29
C ASP B 468 11.15 9.08 32.72
N PRO B 469 11.11 10.02 33.68
CA PRO B 469 11.28 11.48 33.62
C PRO B 469 12.71 12.00 33.63
N GLU B 470 13.69 11.11 33.79
CA GLU B 470 15.07 11.55 33.85
C GLU B 470 15.61 12.33 32.65
N CYS B 471 15.19 11.96 31.44
CA CYS B 471 15.64 12.66 30.24
C CYS B 471 15.09 14.08 30.17
N ARG B 472 14.19 14.40 31.10
CA ARG B 472 13.55 15.71 31.16
C ARG B 472 14.09 16.70 32.19
N LYS B 473 15.40 16.70 32.40
CA LYS B 473 16.01 17.65 33.35
C LYS B 473 15.99 19.03 32.71
N CYS B 474 16.13 20.07 33.55
CA CYS B 474 16.16 21.44 33.07
C CYS B 474 17.38 21.64 32.18
N MET B 475 17.28 22.56 31.22
CA MET B 475 18.40 22.84 30.34
C MET B 475 19.53 23.42 31.19
N VAL B 476 20.78 23.14 30.82
CA VAL B 476 21.92 23.66 31.56
C VAL B 476 22.54 24.82 30.78
N TRP B 477 22.43 26.02 31.34
CA TRP B 477 22.95 27.22 30.67
C TRP B 477 24.30 27.70 31.18
N ASP B 478 24.85 27.02 32.17
CA ASP B 478 26.16 27.41 32.70
C ASP B 478 27.23 26.73 31.85
N PRO B 479 28.02 27.52 31.11
CA PRO B 479 29.06 26.92 30.26
C PRO B 479 30.07 26.09 31.05
N MET B 480 30.01 26.18 32.38
CA MET B 480 30.93 25.44 33.22
C MET B 480 30.44 24.00 33.35
N GLN B 481 29.16 23.79 33.08
CA GLN B 481 28.56 22.46 33.14
C GLN B 481 28.26 21.93 31.75
N GLN B 482 28.47 22.77 30.74
CA GLN B 482 28.25 22.36 29.35
C GLN B 482 29.55 21.77 28.83
N ASN B 483 29.46 20.93 27.81
CA ASN B 483 30.66 20.33 27.23
C ASN B 483 30.96 21.03 25.90
N LYS B 484 31.80 22.05 25.96
CA LYS B 484 32.19 22.84 24.79
C LYS B 484 32.72 22.05 23.60
N GLU B 485 33.68 21.16 23.85
CA GLU B 485 34.25 20.34 22.79
C GLU B 485 33.13 19.70 21.97
N LEU B 486 32.10 19.23 22.67
CA LEU B 486 30.97 18.59 22.02
C LEU B 486 30.15 19.63 21.27
N HIS B 487 29.82 20.72 21.95
CA HIS B 487 29.03 21.80 21.39
C HIS B 487 29.64 22.24 20.06
N GLN B 488 30.94 22.53 20.07
CA GLN B 488 31.61 22.95 18.85
C GLN B 488 31.51 21.87 17.79
N HIS B 489 31.54 20.62 18.22
CA HIS B 489 31.43 19.47 17.32
C HIS B 489 30.10 19.52 16.54
N VAL B 490 29.00 19.61 17.28
CA VAL B 490 27.68 19.68 16.68
C VAL B 490 27.62 20.88 15.75
N LYS B 491 28.02 22.04 16.25
CA LYS B 491 28.04 23.26 15.44
C LYS B 491 28.85 22.99 14.17
N GLN B 492 30.04 22.44 14.35
CA GLN B 492 30.94 22.13 13.24
C GLN B 492 30.30 21.24 12.18
N LEU B 493 29.59 20.21 12.63
CA LEU B 493 28.95 19.30 11.71
C LEU B 493 27.70 19.86 11.05
N ILE B 494 27.01 20.78 11.72
CA ILE B 494 25.83 21.37 11.12
C ILE B 494 26.25 22.33 9.99
N ALA B 495 27.49 22.79 10.05
CA ALA B 495 28.01 23.68 9.03
C ALA B 495 28.38 22.85 7.79
N LEU B 496 29.03 21.72 8.01
CA LEU B 496 29.43 20.85 6.93
C LEU B 496 28.21 20.35 6.16
N ARG B 497 27.14 20.06 6.88
CA ARG B 497 25.92 19.56 6.27
C ARG B 497 25.31 20.64 5.40
N LYS B 498 25.30 21.86 5.93
CA LYS B 498 24.75 22.99 5.21
C LYS B 498 25.54 23.19 3.92
N GLN B 499 26.84 22.88 3.97
CA GLN B 499 27.74 23.02 2.82
C GLN B 499 27.62 21.90 1.77
N TYR B 500 27.54 20.66 2.22
CA TYR B 500 27.49 19.54 1.28
C TYR B 500 26.13 18.93 1.07
N ARG B 501 25.59 19.17 -0.13
CA ARG B 501 24.29 18.67 -0.50
C ARG B 501 24.27 17.14 -0.49
N SER B 502 25.44 16.50 -0.57
CA SER B 502 25.48 15.05 -0.55
C SER B 502 25.13 14.58 0.87
N LEU B 503 25.65 15.27 1.87
CA LEU B 503 25.37 14.93 3.26
C LEU B 503 23.89 14.93 3.57
N ARG B 504 23.17 15.94 3.13
CA ARG B 504 21.75 16.02 3.42
C ARG B 504 20.77 15.40 2.42
N ARG B 505 21.15 15.27 1.16
CA ARG B 505 20.22 14.73 0.17
C ARG B 505 20.81 13.59 -0.65
N GLY B 506 22.07 13.26 -0.39
CA GLY B 506 22.75 12.22 -1.15
C GLY B 506 22.38 10.79 -0.83
N GLU B 507 23.00 9.86 -1.55
CA GLU B 507 22.78 8.43 -1.37
C GLU B 507 23.91 7.87 -0.50
N ILE B 508 23.64 6.81 0.26
CA ILE B 508 24.67 6.26 1.13
C ILE B 508 24.98 4.81 0.80
N SER B 509 26.23 4.42 1.01
CA SER B 509 26.64 3.04 0.77
C SER B 509 27.78 2.74 1.74
N PHE B 510 27.86 1.49 2.17
CA PHE B 510 28.90 1.09 3.11
C PHE B 510 29.97 0.23 2.47
N LEU B 511 31.21 0.68 2.54
CA LEU B 511 32.32 -0.04 1.94
C LEU B 511 32.85 -1.11 2.88
N HIS B 512 32.96 -2.34 2.37
CA HIS B 512 33.46 -3.47 3.15
C HIS B 512 34.89 -3.21 3.58
N ALA B 513 35.10 -3.09 4.89
CA ALA B 513 36.43 -2.82 5.43
C ALA B 513 37.17 -4.12 5.73
N ASP B 514 38.38 -3.97 6.26
CA ASP B 514 39.23 -5.09 6.63
C ASP B 514 38.68 -5.73 7.91
N ASP B 515 38.65 -4.96 8.98
CA ASP B 515 38.12 -5.45 10.24
C ASP B 515 36.63 -5.08 10.27
N GLU B 516 35.80 -6.04 9.85
CA GLU B 516 34.36 -5.84 9.78
C GLU B 516 33.69 -5.89 11.16
N MET B 517 34.36 -5.35 12.17
CA MET B 517 33.79 -5.34 13.50
C MET B 517 33.71 -3.94 14.10
N ASN B 518 34.79 -3.18 14.02
CA ASN B 518 34.81 -1.84 14.60
C ASN B 518 35.09 -0.69 13.65
N TYR B 519 35.54 -0.98 12.44
CA TYR B 519 35.84 0.07 11.48
C TYR B 519 34.66 0.30 10.56
N LEU B 520 34.18 1.53 10.50
CA LEU B 520 33.03 1.82 9.65
C LEU B 520 33.39 2.77 8.56
N ILE B 521 33.16 2.34 7.32
CA ILE B 521 33.43 3.19 6.16
C ILE B 521 32.15 3.35 5.32
N TYR B 522 31.80 4.58 5.00
CA TYR B 522 30.62 4.82 4.19
C TYR B 522 30.75 6.15 3.49
N LYS B 523 29.97 6.35 2.42
CA LYS B 523 30.02 7.60 1.70
C LYS B 523 28.65 8.04 1.20
N LYS B 524 28.48 9.36 1.11
CA LYS B 524 27.24 9.95 0.62
C LYS B 524 27.51 10.52 -0.77
N THR B 525 26.67 10.17 -1.75
CA THR B 525 26.84 10.67 -3.11
C THR B 525 25.51 11.01 -3.80
N ASP B 526 25.39 12.26 -4.23
CA ASP B 526 24.19 12.69 -4.95
C ASP B 526 24.63 12.99 -6.38
N GLY B 527 25.27 12.00 -7.00
CA GLY B 527 25.75 12.18 -8.36
C GLY B 527 26.94 13.12 -8.46
N ASP B 528 26.73 14.37 -8.04
CA ASP B 528 27.77 15.40 -8.09
C ASP B 528 28.94 15.15 -7.15
N GLU B 529 28.86 15.71 -5.94
CA GLU B 529 29.92 15.57 -4.95
C GLU B 529 29.94 14.20 -4.29
N THR B 530 30.90 14.01 -3.40
CA THR B 530 31.04 12.74 -2.70
C THR B 530 31.87 12.95 -1.46
N VAL B 531 31.29 12.66 -0.31
CA VAL B 531 32.02 12.79 0.93
C VAL B 531 32.20 11.40 1.49
N LEU B 532 33.41 11.11 1.97
CA LEU B 532 33.76 9.81 2.54
C LEU B 532 33.90 9.94 4.06
N VAL B 533 33.40 8.95 4.79
CA VAL B 533 33.48 8.98 6.24
C VAL B 533 34.11 7.70 6.77
N ILE B 534 35.10 7.86 7.64
CA ILE B 534 35.77 6.70 8.21
C ILE B 534 35.79 6.80 9.73
N ILE B 535 35.19 5.80 10.38
CA ILE B 535 35.08 5.76 11.83
C ILE B 535 35.83 4.59 12.45
N ASN B 536 36.39 4.82 13.64
CA ASN B 536 37.10 3.78 14.37
C ASN B 536 36.36 3.60 15.69
N ARG B 537 35.39 2.70 15.70
CA ARG B 537 34.60 2.45 16.90
C ARG B 537 35.23 1.40 17.82
N SER B 538 36.26 1.82 18.54
CA SER B 538 36.98 0.96 19.47
C SER B 538 37.82 1.84 20.39
N ASP B 539 38.12 1.36 21.59
CA ASP B 539 38.89 2.13 22.56
C ASP B 539 40.39 2.22 22.31
N GLN B 540 40.85 1.75 21.15
CA GLN B 540 42.27 1.83 20.80
C GLN B 540 42.48 2.48 19.43
N LYS B 541 43.64 3.08 19.21
CA LYS B 541 43.91 3.72 17.93
C LYS B 541 44.06 2.66 16.84
N ALA B 542 43.84 3.06 15.58
CA ALA B 542 43.95 2.11 14.48
C ALA B 542 44.31 2.79 13.17
N ASP B 543 45.04 2.07 12.33
CA ASP B 543 45.43 2.60 11.03
C ASP B 543 44.49 1.98 10.00
N ILE B 544 43.43 2.71 9.67
CA ILE B 544 42.45 2.21 8.72
C ILE B 544 42.77 2.55 7.26
N PRO B 545 42.69 1.55 6.38
CA PRO B 545 42.96 1.74 4.95
C PRO B 545 41.73 2.30 4.25
N ILE B 546 41.88 3.41 3.53
CA ILE B 546 40.76 4.01 2.82
C ILE B 546 40.64 3.36 1.44
N PRO B 547 39.49 2.74 1.15
CA PRO B 547 39.20 2.05 -0.11
C PRO B 547 38.86 2.93 -1.30
N LEU B 548 39.88 3.32 -2.06
CA LEU B 548 39.65 4.15 -3.24
C LEU B 548 40.62 3.85 -4.37
N ASP B 549 40.12 3.95 -5.59
CA ASP B 549 40.92 3.72 -6.79
C ASP B 549 41.68 5.00 -7.12
N ALA B 550 43.00 4.95 -6.94
CA ALA B 550 43.89 6.11 -7.17
C ALA B 550 44.13 6.50 -8.64
N ARG B 551 43.24 7.34 -9.17
CA ARG B 551 43.37 7.80 -10.54
C ARG B 551 42.57 9.09 -10.72
N GLY B 552 43.26 10.22 -10.51
CA GLY B 552 42.60 11.50 -10.62
C GLY B 552 41.67 11.71 -9.45
N THR B 553 42.00 11.07 -8.32
CA THR B 553 41.20 11.17 -7.12
C THR B 553 41.87 12.04 -6.04
N TRP B 554 41.18 13.09 -5.64
CA TRP B 554 41.69 14.00 -4.62
C TRP B 554 40.81 13.99 -3.37
N LEU B 555 41.45 14.02 -2.21
CA LEU B 555 40.72 14.04 -0.95
C LEU B 555 40.93 15.34 -0.23
N VAL B 556 39.86 15.91 0.29
CA VAL B 556 39.96 17.15 1.03
C VAL B 556 39.40 16.93 2.42
N ASN B 557 40.29 16.83 3.41
CA ASN B 557 39.88 16.61 4.80
C ASN B 557 38.89 17.70 5.25
N LEU B 558 37.61 17.33 5.33
CA LEU B 558 36.53 18.25 5.70
C LEU B 558 36.55 18.75 7.14
N LEU B 559 37.61 18.45 7.87
CA LEU B 559 37.71 18.87 9.26
C LEU B 559 38.80 19.89 9.45
N THR B 560 39.93 19.65 8.80
CA THR B 560 41.07 20.54 8.93
C THR B 560 41.36 21.32 7.66
N GLY B 561 40.64 21.00 6.60
CA GLY B 561 40.84 21.69 5.34
C GLY B 561 41.99 21.05 4.61
N GLU B 562 42.87 20.42 5.38
CA GLU B 562 44.05 19.74 4.87
C GLU B 562 43.61 19.01 3.60
N ARG B 563 44.43 19.10 2.57
CA ARG B 563 44.08 18.47 1.29
C ARG B 563 45.25 17.61 0.79
N PHE B 564 44.95 16.69 -0.13
CA PHE B 564 45.97 15.80 -0.68
C PHE B 564 45.39 14.92 -1.77
N ALA B 565 46.25 14.20 -2.48
CA ALA B 565 45.79 13.34 -3.55
C ALA B 565 45.85 11.86 -3.23
N ALA B 566 45.03 11.10 -3.94
CA ALA B 566 44.96 9.67 -3.77
C ALA B 566 46.07 8.96 -4.52
N GLU B 567 46.84 8.18 -3.78
CA GLU B 567 47.94 7.40 -4.31
C GLU B 567 48.07 6.25 -3.32
N ALA B 568 48.36 5.04 -3.80
CA ALA B 568 48.48 3.89 -2.92
C ALA B 568 49.50 4.08 -1.79
N GLU B 569 49.95 5.31 -1.60
CA GLU B 569 50.93 5.64 -0.55
C GLU B 569 50.36 6.51 0.58
N THR B 570 49.10 6.93 0.44
CA THR B 570 48.46 7.77 1.45
C THR B 570 46.99 7.41 1.65
N LEU B 571 46.63 6.16 1.38
CA LEU B 571 45.25 5.70 1.54
C LEU B 571 45.05 4.90 2.82
N CYS B 572 45.52 5.45 3.94
CA CYS B 572 45.40 4.78 5.24
C CYS B 572 45.33 5.86 6.33
N THR B 573 44.16 6.03 6.94
CA THR B 573 43.98 7.03 7.98
C THR B 573 44.31 6.46 9.35
N SER B 574 45.10 7.19 10.11
CA SER B 574 45.47 6.73 11.44
C SER B 574 44.62 7.48 12.46
N LEU B 575 43.70 6.77 13.10
CA LEU B 575 42.82 7.39 14.07
C LEU B 575 43.04 6.88 15.50
N PRO B 576 42.64 7.69 16.49
CA PRO B 576 42.75 7.38 17.90
C PRO B 576 41.48 6.66 18.30
N PRO B 577 41.30 6.37 19.60
CA PRO B 577 40.07 5.69 20.01
C PRO B 577 38.84 6.49 19.56
N TYR B 578 37.81 5.80 19.10
CA TYR B 578 36.59 6.44 18.64
C TYR B 578 36.90 7.64 17.76
N GLY B 579 37.94 7.49 16.95
CA GLY B 579 38.34 8.55 16.04
C GLY B 579 37.54 8.57 14.76
N PHE B 580 37.50 9.73 14.11
CA PHE B 580 36.75 9.87 12.88
C PHE B 580 37.36 10.92 11.96
N VAL B 581 36.96 10.89 10.70
CA VAL B 581 37.43 11.83 9.70
C VAL B 581 36.47 11.87 8.48
N LEU B 582 36.35 13.03 7.84
CA LEU B 582 35.50 13.13 6.65
C LEU B 582 36.32 13.67 5.49
N TYR B 583 36.00 13.21 4.28
CA TYR B 583 36.71 13.65 3.09
C TYR B 583 35.75 13.98 1.97
N ALA B 584 36.13 14.92 1.14
CA ALA B 584 35.32 15.26 -0.02
C ALA B 584 36.13 14.56 -1.09
N ILE B 585 35.46 13.78 -1.92
CA ILE B 585 36.17 13.08 -2.97
C ILE B 585 35.95 13.80 -4.27
N GLU B 586 37.05 14.20 -4.89
CA GLU B 586 37.01 14.86 -6.18
C GLU B 586 37.52 13.88 -7.23
N HIS B 587 36.75 13.74 -8.30
CA HIS B 587 37.10 12.85 -9.39
C HIS B 587 37.57 13.70 -10.56
N TRP B 588 38.89 13.79 -10.72
CA TRP B 588 39.48 14.57 -11.79
C TRP B 588 40.00 13.67 -12.90
#